data_3HPS
#
_entry.id   3HPS
#
_cell.length_a   54.411
_cell.length_b   154.848
_cell.length_c   68.882
_cell.angle_alpha   90.00
_cell.angle_beta   97.65
_cell.angle_gamma   90.00
#
_symmetry.space_group_name_H-M   'P 1 21 1'
#
loop_
_entity.id
_entity.type
_entity.pdbx_description
1 polymer '2-isopropylmalate synthase'
2 non-polymer LEUCINE
3 non-polymer 'ZINC ION'
4 non-polymer '2-OXO-4-METHYLPENTANOIC ACID'
5 non-polymer GLYCEROL
6 water water
#
_entity_poly.entity_id   1
_entity_poly.type   'polypeptide(L)'
_entity_poly.pdbx_seq_one_letter_code
;MTTSESPDAYTESFGAHTIVKPAGPPRVGQPSWNPQRASSMPVNRYRPFAEEVEPIRLRNRTWPDRVIDRAPLWCAVDLR
DGNQALIDPMSPARKRRMFDLLVRMGYKEIEVGFPSASQTDFDFVREIIEQGAIPDDVTIQVLTQCRPELIERTFQACSG
APRAIVHFYNSTSILQRRVVFRANRAEVQAIATDGARKCVEQAAKYPGTQWRFEYSPESYTGTELEYAKQVCDAVGEVIA
PTPERPIIFNLPATVEMTTPNVYADSIEWMSRNLANRESVILSLHPHNDRGTAVAAAELGFAAGADRIEGCLFGNGERTG
NVCLVTLGLNLFSRGVDPQIDFSNIDEIRRTVEYCNQLPVHERHPYGGDLVYTAFSGSHQDAINKGLDAMKLDADAADCD
VDDMLWQVPYLPIDPRDVGRTYEAVIRVNSQSGKGGVAYIMKTDHGLSLPRRLQIEFSQVIQKIAEGTAGEGGEVSPKEM
WDAFAEEYLAPVRPLERIRQHVDAADDDGGTTSITATVKINGVETEISGSGNGPLAAFVHALADVGFDVAVLDYYEHAMS
AGDDAQAAAYVEASVTIASPAQPGEAGRHASDPVTIASPAQPGEAGRHASDPVTSKTVWGVGIAPSITTASLRAVVSAVN
RAAR
;
_entity_poly.pdbx_strand_id   A,B
#
# COMPACT_ATOMS: atom_id res chain seq x y z
N THR A 18 17.29 -5.72 1.35
CA THR A 18 16.64 -7.08 1.32
C THR A 18 16.26 -7.65 2.72
N ILE A 19 15.24 -8.51 2.76
CA ILE A 19 14.65 -9.02 4.01
C ILE A 19 15.62 -9.93 4.78
N VAL A 20 15.93 -9.53 6.01
CA VAL A 20 16.79 -10.31 6.92
C VAL A 20 15.95 -10.77 8.10
N LYS A 21 15.94 -12.05 8.37
CA LYS A 21 15.16 -12.59 9.47
C LYS A 21 15.54 -11.92 10.82
N PRO A 22 14.55 -11.41 11.58
CA PRO A 22 14.91 -10.89 12.90
C PRO A 22 15.72 -11.91 13.72
N ALA A 23 16.79 -11.42 14.35
CA ALA A 23 17.69 -12.29 15.10
C ALA A 23 18.05 -11.78 16.50
N GLY A 24 17.48 -10.65 16.93
CA GLY A 24 17.88 -9.97 18.18
C GLY A 24 17.24 -10.66 19.39
N PRO A 25 17.85 -10.48 20.58
CA PRO A 25 17.33 -11.17 21.75
C PRO A 25 15.85 -10.84 22.02
N PRO A 26 15.05 -11.84 22.37
CA PRO A 26 13.66 -11.55 22.78
C PRO A 26 13.63 -10.64 24.01
N ARG A 27 12.51 -9.98 24.21
CA ARG A 27 12.34 -9.03 25.31
C ARG A 27 12.42 -9.70 26.65
N VAL A 28 12.92 -8.97 27.67
CA VAL A 28 12.84 -9.49 29.05
C VAL A 28 11.38 -9.81 29.40
N GLY A 29 11.14 -11.00 29.95
CA GLY A 29 9.80 -11.48 30.31
C GLY A 29 8.95 -12.01 29.16
N GLN A 30 9.48 -11.99 27.93
CA GLN A 30 8.73 -12.59 26.80
C GLN A 30 8.45 -14.05 27.10
N PRO A 31 7.18 -14.47 27.00
CA PRO A 31 6.78 -15.85 27.30
C PRO A 31 7.55 -16.85 26.45
N SER A 32 7.76 -18.05 27.01
CA SER A 32 8.42 -19.15 26.31
C SER A 32 7.67 -19.64 25.09
N TRP A 33 6.35 -19.46 25.10
CA TRP A 33 5.57 -19.89 23.96
C TRP A 33 5.60 -18.85 22.82
N ASN A 34 6.35 -17.77 23.01
CA ASN A 34 6.57 -16.83 21.92
C ASN A 34 8.06 -16.82 21.55
N PRO A 35 8.44 -17.45 20.43
CA PRO A 35 9.86 -17.46 20.07
C PRO A 35 10.31 -16.36 19.09
N GLN A 36 9.55 -15.27 18.97
CA GLN A 36 9.90 -14.19 18.08
C GLN A 36 11.21 -13.54 18.56
N ARG A 37 11.99 -13.03 17.62
CA ARG A 37 13.25 -12.39 17.91
C ARG A 37 13.10 -10.92 17.56
N ALA A 38 13.91 -10.08 18.18
CA ALA A 38 13.92 -8.65 17.91
C ALA A 38 14.34 -8.33 16.46
N SER A 39 13.63 -7.40 15.82
CA SER A 39 14.00 -7.01 14.46
C SER A 39 15.12 -6.01 14.56
N SER A 40 15.75 -5.72 13.44
CA SER A 40 16.75 -4.67 13.47
C SER A 40 16.15 -3.36 12.90
N MET A 41 14.83 -3.25 12.87
CA MET A 41 14.21 -1.99 12.45
C MET A 41 14.52 -0.87 13.46
N PRO A 42 14.80 0.36 12.97
CA PRO A 42 15.21 1.41 13.91
C PRO A 42 14.03 2.02 14.72
N VAL A 43 13.48 1.23 15.66
CA VAL A 43 12.35 1.68 16.45
C VAL A 43 12.66 2.93 17.31
N ASN A 44 13.93 3.11 17.70
CA ASN A 44 14.33 4.25 18.52
C ASN A 44 14.06 5.60 17.83
N ARG A 45 13.74 5.60 16.54
CA ARG A 45 13.49 6.85 15.82
C ARG A 45 12.04 7.32 15.95
N TYR A 46 11.23 6.54 16.65
CA TYR A 46 9.77 6.74 16.75
C TYR A 46 9.40 6.62 18.22
N ARG A 47 8.48 7.46 18.68
CA ARG A 47 8.13 7.53 20.09
C ARG A 47 6.66 7.18 20.23
N PRO A 48 6.24 6.67 21.41
CA PRO A 48 4.80 6.52 21.68
C PRO A 48 4.06 7.84 21.53
N PHE A 49 2.79 7.78 21.16
CA PHE A 49 2.02 8.98 20.91
C PHE A 49 1.98 9.93 22.10
N ALA A 50 1.83 9.39 23.30
CA ALA A 50 1.84 10.23 24.52
C ALA A 50 3.14 11.03 24.72
N GLU A 51 4.27 10.50 24.25
CA GLU A 51 5.54 11.24 24.28
C GLU A 51 5.73 12.19 23.09
N GLU A 52 5.25 11.78 21.92
CA GLU A 52 5.32 12.59 20.72
C GLU A 52 4.43 13.84 20.85
N VAL A 53 3.27 13.67 21.45
CA VAL A 53 2.30 14.76 21.55
C VAL A 53 1.98 14.99 23.00
N GLU A 54 1.04 14.24 23.58
CA GLU A 54 0.76 14.38 25.02
C GLU A 54 -0.07 13.19 25.47
N PRO A 55 -0.13 12.93 26.79
CA PRO A 55 -1.07 11.89 27.19
C PRO A 55 -2.55 12.36 27.15
N ILE A 56 -3.46 11.39 27.07
CA ILE A 56 -4.93 11.54 27.15
C ILE A 56 -5.38 12.38 28.32
N ARG A 57 -6.05 13.48 28.01
CA ARG A 57 -6.60 14.36 29.03
C ARG A 57 -7.99 13.97 29.57
N LEU A 58 -8.71 13.08 28.89
CA LEU A 58 -10.14 12.87 29.18
C LEU A 58 -10.38 11.97 30.36
N ARG A 59 -11.22 12.43 31.30
CA ARG A 59 -11.70 11.62 32.41
C ARG A 59 -13.16 11.15 32.20
N ASN A 60 -13.49 9.96 32.69
CA ASN A 60 -14.85 9.41 32.49
C ASN A 60 -15.40 9.52 31.05
N ARG A 61 -14.68 8.93 30.10
CA ARG A 61 -15.15 8.87 28.71
C ARG A 61 -16.50 8.17 28.65
N THR A 62 -17.33 8.55 27.68
CA THR A 62 -18.64 7.91 27.47
C THR A 62 -18.80 7.24 26.10
N TRP A 63 -17.96 7.61 25.11
CA TRP A 63 -18.08 6.99 23.80
C TRP A 63 -18.09 5.44 23.76
N PRO A 64 -17.34 4.75 24.64
CA PRO A 64 -17.38 3.28 24.55
C PRO A 64 -18.75 2.67 24.84
N ASP A 65 -19.62 3.45 25.45
CA ASP A 65 -20.95 2.97 25.86
C ASP A 65 -22.04 3.42 24.93
N ARG A 66 -21.69 4.15 23.87
CA ARG A 66 -22.68 4.71 22.95
C ARG A 66 -22.72 3.87 21.69
N VAL A 67 -23.93 3.60 21.19
CA VAL A 67 -24.05 2.94 19.89
C VAL A 67 -24.64 4.01 18.99
N ILE A 68 -24.07 4.21 17.82
CA ILE A 68 -24.58 5.23 16.89
C ILE A 68 -26.02 4.89 16.51
N ASP A 69 -26.93 5.87 16.63
CA ASP A 69 -28.33 5.59 16.23
C ASP A 69 -28.92 6.60 15.23
N ARG A 70 -28.09 7.45 14.63
CA ARG A 70 -28.57 8.38 13.59
C ARG A 70 -27.42 8.67 12.68
N ALA A 71 -27.70 9.06 11.44
CA ALA A 71 -26.62 9.49 10.55
C ALA A 71 -25.96 10.84 10.95
N PRO A 72 -24.63 10.95 10.76
CA PRO A 72 -24.07 12.28 10.96
C PRO A 72 -24.40 13.16 9.76
N LEU A 73 -24.08 14.43 9.86
CA LEU A 73 -24.03 15.32 8.68
C LEU A 73 -22.76 14.95 7.91
N TRP A 74 -22.90 14.64 6.63
CA TRP A 74 -21.75 14.26 5.81
C TRP A 74 -21.21 15.43 5.04
N CYS A 75 -19.89 15.47 4.84
CA CYS A 75 -19.36 16.42 3.91
C CYS A 75 -18.41 15.69 2.97
N ALA A 76 -18.63 15.77 1.66
CA ALA A 76 -17.75 15.04 0.73
C ALA A 76 -16.63 15.95 0.27
N VAL A 77 -15.38 15.51 0.41
CA VAL A 77 -14.25 16.31 -0.01
C VAL A 77 -13.51 15.74 -1.21
N ASP A 78 -14.17 14.90 -1.99
CA ASP A 78 -13.60 14.26 -3.21
C ASP A 78 -13.03 15.26 -4.20
N LEU A 79 -13.67 16.42 -4.30
CA LEU A 79 -13.30 17.45 -5.29
C LEU A 79 -12.12 18.33 -4.86
N ARG A 80 -11.67 18.16 -3.62
CA ARG A 80 -10.52 18.93 -3.11
C ARG A 80 -9.46 17.96 -2.58
N ASP A 81 -9.68 17.37 -1.40
CA ASP A 81 -8.70 16.45 -0.82
C ASP A 81 -8.49 15.26 -1.76
N GLY A 82 -9.58 14.74 -2.34
CA GLY A 82 -9.45 13.58 -3.26
C GLY A 82 -8.73 14.03 -4.54
N ASN A 83 -9.26 15.06 -5.18
CA ASN A 83 -8.69 15.55 -6.46
C ASN A 83 -7.19 15.90 -6.39
N GLN A 84 -6.78 16.63 -5.35
CA GLN A 84 -5.37 17.06 -5.25
C GLN A 84 -4.42 15.88 -4.99
N ALA A 85 -4.97 14.72 -4.64
CA ALA A 85 -4.16 13.51 -4.36
C ALA A 85 -3.96 12.59 -5.57
N LEU A 86 -4.49 12.99 -6.73
CA LEU A 86 -4.48 12.13 -7.93
C LEU A 86 -3.28 12.42 -8.80
N ILE A 87 -2.69 11.36 -9.38
CA ILE A 87 -1.62 11.60 -10.36
C ILE A 87 -2.19 12.26 -11.59
N ASP A 88 -3.41 11.88 -11.98
CA ASP A 88 -4.10 12.52 -13.12
C ASP A 88 -5.30 13.33 -12.56
N PRO A 89 -5.11 14.62 -12.26
CA PRO A 89 -6.23 15.35 -11.60
C PRO A 89 -7.47 15.51 -12.52
N MET A 90 -8.64 15.78 -11.92
CA MET A 90 -9.86 15.79 -12.69
C MET A 90 -9.94 16.91 -13.72
N SER A 91 -10.26 16.52 -14.95
CA SER A 91 -10.63 17.49 -16.00
C SER A 91 -11.93 18.17 -15.55
N PRO A 92 -12.31 19.27 -16.22
CA PRO A 92 -13.61 19.89 -15.94
C PRO A 92 -14.81 18.92 -16.07
N ALA A 93 -14.78 18.03 -17.08
CA ALA A 93 -15.84 17.04 -17.26
C ALA A 93 -15.93 16.07 -16.06
N ARG A 94 -14.78 15.59 -15.59
CA ARG A 94 -14.73 14.65 -14.48
C ARG A 94 -15.19 15.33 -13.17
N LYS A 95 -14.75 16.57 -12.95
CA LYS A 95 -15.26 17.32 -11.78
C LYS A 95 -16.78 17.44 -11.76
N ARG A 96 -17.38 17.81 -12.89
CA ARG A 96 -18.83 17.95 -12.95
C ARG A 96 -19.53 16.61 -12.69
N ARG A 97 -18.95 15.53 -13.20
CA ARG A 97 -19.53 14.21 -13.03
C ARG A 97 -19.52 13.81 -11.53
N MET A 98 -18.43 14.13 -10.84
CA MET A 98 -18.30 13.78 -9.42
C MET A 98 -19.28 14.64 -8.61
N PHE A 99 -19.33 15.92 -8.95
CA PHE A 99 -20.26 16.84 -8.30
C PHE A 99 -21.69 16.34 -8.45
N ASP A 100 -22.07 15.96 -9.66
CA ASP A 100 -23.42 15.47 -9.92
C ASP A 100 -23.72 14.20 -9.13
N LEU A 101 -22.73 13.31 -9.05
CA LEU A 101 -22.92 12.06 -8.35
C LEU A 101 -23.18 12.35 -6.86
N LEU A 102 -22.38 13.24 -6.30
CA LEU A 102 -22.49 13.55 -4.87
C LEU A 102 -23.85 14.17 -4.56
N VAL A 103 -24.28 15.12 -5.41
CA VAL A 103 -25.63 15.66 -5.31
C VAL A 103 -26.69 14.57 -5.37
N ARG A 104 -26.59 13.67 -6.37
CA ARG A 104 -27.65 12.68 -6.58
C ARG A 104 -27.70 11.63 -5.47
N MET A 105 -26.54 11.32 -4.88
CA MET A 105 -26.46 10.44 -3.69
C MET A 105 -27.15 11.00 -2.45
N GLY A 106 -27.23 12.32 -2.35
CA GLY A 106 -27.88 13.00 -1.21
C GLY A 106 -26.95 13.83 -0.33
N TYR A 107 -25.69 14.02 -0.76
CA TYR A 107 -24.78 14.89 0.02
C TYR A 107 -25.22 16.34 -0.06
N LYS A 108 -25.19 17.03 1.09
CA LYS A 108 -25.68 18.41 1.22
C LYS A 108 -24.53 19.42 1.44
N GLU A 109 -23.34 18.89 1.70
CA GLU A 109 -22.15 19.73 1.87
C GLU A 109 -21.02 19.09 1.09
N ILE A 110 -20.43 19.86 0.18
CA ILE A 110 -19.53 19.32 -0.79
C ILE A 110 -18.40 20.33 -0.99
N GLU A 111 -17.16 19.92 -0.70
CA GLU A 111 -16.00 20.79 -0.81
C GLU A 111 -15.52 20.73 -2.23
N VAL A 112 -15.67 21.86 -2.92
CA VAL A 112 -15.49 21.95 -4.38
C VAL A 112 -14.13 22.46 -4.83
N GLY A 113 -13.23 22.71 -3.89
CA GLY A 113 -11.87 23.06 -4.27
C GLY A 113 -11.15 24.00 -3.33
N PHE A 114 -9.98 24.43 -3.79
CA PHE A 114 -9.04 25.30 -3.11
C PHE A 114 -8.73 26.46 -4.11
N PRO A 115 -9.75 27.31 -4.42
CA PRO A 115 -9.68 28.21 -5.62
C PRO A 115 -8.63 29.32 -5.54
N SER A 116 -8.19 29.66 -4.34
CA SER A 116 -7.18 30.70 -4.22
C SER A 116 -5.79 30.14 -4.55
N ALA A 117 -5.66 28.81 -4.58
CA ALA A 117 -4.39 28.16 -4.86
C ALA A 117 -4.34 27.50 -6.23
N SER A 118 -5.49 27.36 -6.88
CA SER A 118 -5.59 26.57 -8.10
C SER A 118 -6.54 27.27 -9.07
N GLN A 119 -6.03 27.67 -10.25
CA GLN A 119 -6.89 28.33 -11.23
C GLN A 119 -8.01 27.39 -11.75
N THR A 120 -7.67 26.12 -11.95
CA THR A 120 -8.70 25.15 -12.35
C THR A 120 -9.82 25.02 -11.32
N ASP A 121 -9.48 25.05 -10.02
CA ASP A 121 -10.49 25.04 -8.96
C ASP A 121 -11.29 26.34 -9.02
N PHE A 122 -10.61 27.46 -9.21
CA PHE A 122 -11.27 28.73 -9.34
C PHE A 122 -12.33 28.68 -10.43
N ASP A 123 -11.93 28.22 -11.62
CA ASP A 123 -12.82 28.12 -12.80
C ASP A 123 -14.00 27.17 -12.51
N PHE A 124 -13.74 26.06 -11.83
CA PHE A 124 -14.82 25.14 -11.51
C PHE A 124 -15.88 25.78 -10.59
N VAL A 125 -15.41 26.51 -9.57
CA VAL A 125 -16.34 27.19 -8.66
C VAL A 125 -17.16 28.20 -9.47
N ARG A 126 -16.47 28.97 -10.31
CA ARG A 126 -17.19 29.90 -11.19
C ARG A 126 -18.22 29.22 -12.04
N GLU A 127 -17.85 28.07 -12.62
CA GLU A 127 -18.71 27.31 -13.51
C GLU A 127 -20.02 26.94 -12.82
N ILE A 128 -19.92 26.28 -11.64
CA ILE A 128 -21.14 25.84 -10.96
C ILE A 128 -21.99 26.99 -10.44
N ILE A 129 -21.38 28.08 -10.01
CA ILE A 129 -22.17 29.23 -9.60
C ILE A 129 -22.86 29.87 -10.84
N GLU A 130 -22.07 30.19 -11.87
CA GLU A 130 -22.63 30.86 -13.07
C GLU A 130 -23.66 30.00 -13.82
N GLN A 131 -23.53 28.68 -13.81
CA GLN A 131 -24.50 27.83 -14.50
C GLN A 131 -25.80 27.60 -13.69
N GLY A 132 -25.87 28.09 -12.46
CA GLY A 132 -26.99 27.74 -11.57
C GLY A 132 -27.05 26.25 -11.32
N ALA A 133 -25.89 25.60 -11.21
CA ALA A 133 -25.78 24.16 -10.98
C ALA A 133 -25.94 23.67 -9.52
N ILE A 134 -26.28 24.57 -8.58
CA ILE A 134 -26.31 24.16 -7.15
C ILE A 134 -27.74 24.05 -6.61
N PRO A 135 -28.17 22.84 -6.20
CA PRO A 135 -29.53 22.72 -5.64
C PRO A 135 -29.74 23.61 -4.41
N ASP A 136 -30.97 24.03 -4.16
CA ASP A 136 -31.28 24.87 -3.03
C ASP A 136 -30.90 24.29 -1.67
N ASP A 137 -30.75 22.97 -1.54
CA ASP A 137 -30.39 22.39 -0.23
C ASP A 137 -28.92 22.00 -0.14
N VAL A 138 -28.11 22.43 -1.10
CA VAL A 138 -26.68 22.10 -1.15
C VAL A 138 -25.87 23.32 -0.82
N THR A 139 -24.87 23.13 0.05
CA THR A 139 -23.93 24.18 0.39
C THR A 139 -22.54 23.80 -0.09
N ILE A 140 -21.99 24.57 -1.00
CA ILE A 140 -20.61 24.32 -1.44
C ILE A 140 -19.63 24.80 -0.39
N GLN A 141 -18.44 24.20 -0.40
CA GLN A 141 -17.42 24.52 0.59
C GLN A 141 -16.11 24.74 -0.14
N VAL A 142 -15.39 25.79 0.23
CA VAL A 142 -14.12 26.14 -0.38
C VAL A 142 -13.05 26.24 0.68
N LEU A 143 -11.89 25.65 0.39
CA LEU A 143 -10.76 25.65 1.33
C LEU A 143 -9.87 26.86 1.03
N THR A 144 -9.36 27.48 2.09
CA THR A 144 -8.38 28.56 1.98
C THR A 144 -7.41 28.59 3.16
N GLN A 145 -6.18 29.00 2.86
CA GLN A 145 -5.23 29.34 3.91
C GLN A 145 -5.60 30.72 4.48
N CYS A 146 -4.96 31.09 5.60
CA CYS A 146 -5.33 32.30 6.33
C CYS A 146 -4.81 33.63 5.77
N ARG A 147 -3.84 33.58 4.86
CA ARG A 147 -3.27 34.81 4.28
C ARG A 147 -4.36 35.65 3.65
N PRO A 148 -4.36 36.97 3.93
CA PRO A 148 -5.48 37.82 3.57
C PRO A 148 -5.77 37.88 2.07
N GLU A 149 -4.73 37.92 1.23
CA GLU A 149 -4.93 37.89 -0.23
C GLU A 149 -5.55 36.56 -0.72
N LEU A 150 -5.28 35.47 -0.01
CA LEU A 150 -5.82 34.18 -0.38
C LEU A 150 -7.29 34.11 0.03
N ILE A 151 -7.59 34.64 1.19
CA ILE A 151 -8.98 34.79 1.64
C ILE A 151 -9.80 35.67 0.67
N GLU A 152 -9.21 36.77 0.23
CA GLU A 152 -9.88 37.66 -0.74
C GLU A 152 -10.21 36.92 -2.02
N ARG A 153 -9.24 36.14 -2.55
CA ARG A 153 -9.43 35.44 -3.82
C ARG A 153 -10.49 34.34 -3.67
N THR A 154 -10.58 33.77 -2.47
CA THR A 154 -11.59 32.75 -2.13
C THR A 154 -13.00 33.33 -2.23
N PHE A 155 -13.21 34.47 -1.60
CA PHE A 155 -14.51 35.15 -1.73
C PHE A 155 -14.77 35.59 -3.17
N GLN A 156 -13.73 35.96 -3.90
CA GLN A 156 -13.90 36.26 -5.35
C GLN A 156 -14.45 35.04 -6.10
N ALA A 157 -13.89 33.85 -5.83
CA ALA A 157 -14.37 32.64 -6.49
C ALA A 157 -15.82 32.40 -6.15
N CYS A 158 -16.21 32.67 -4.89
CA CYS A 158 -17.57 32.36 -4.46
C CYS A 158 -18.59 33.44 -4.81
N SER A 159 -18.18 34.52 -5.46
CA SER A 159 -19.10 35.64 -5.73
C SER A 159 -20.37 35.15 -6.42
N GLY A 160 -21.51 35.53 -5.84
CA GLY A 160 -22.80 35.08 -6.36
C GLY A 160 -23.29 33.72 -5.87
N ALA A 161 -22.51 33.01 -5.05
CA ALA A 161 -23.02 31.72 -4.50
C ALA A 161 -24.27 32.03 -3.65
N PRO A 162 -25.30 31.18 -3.67
CA PRO A 162 -26.42 31.47 -2.74
C PRO A 162 -26.03 31.22 -1.25
N ARG A 163 -25.12 30.27 -1.03
CA ARG A 163 -24.65 29.95 0.31
C ARG A 163 -23.31 29.27 0.10
N ALA A 164 -22.43 29.38 1.08
CA ALA A 164 -21.11 28.84 0.94
C ALA A 164 -20.47 28.71 2.30
N ILE A 165 -19.73 27.61 2.48
CA ILE A 165 -18.86 27.47 3.64
C ILE A 165 -17.46 27.88 3.23
N VAL A 166 -16.91 28.88 3.91
CA VAL A 166 -15.50 29.22 3.76
C VAL A 166 -14.75 28.52 4.90
N HIS A 167 -13.89 27.59 4.49
CA HIS A 167 -13.15 26.73 5.40
C HIS A 167 -11.73 27.24 5.37
N PHE A 168 -11.32 27.91 6.44
CA PHE A 168 -9.98 28.42 6.52
C PHE A 168 -9.23 27.59 7.57
N TYR A 169 -7.91 27.50 7.46
CA TYR A 169 -7.17 26.65 8.39
C TYR A 169 -5.76 27.15 8.52
N ASN A 170 -5.08 26.71 9.58
CA ASN A 170 -3.64 26.82 9.64
C ASN A 170 -3.10 25.70 10.54
N SER A 171 -1.87 25.28 10.32
CA SER A 171 -1.27 24.16 11.04
CA SER A 171 -1.31 24.16 11.07
C SER A 171 -0.96 24.54 12.49
N THR A 172 -1.38 23.71 13.43
CA THR A 172 -1.14 24.01 14.85
C THR A 172 -0.28 22.99 15.61
N SER A 173 0.24 21.97 14.93
CA SER A 173 0.88 20.89 15.65
C SER A 173 2.18 21.36 16.27
N ILE A 174 2.58 20.67 17.32
CA ILE A 174 3.89 20.93 17.96
C ILE A 174 4.99 20.96 16.92
N LEU A 175 5.01 19.95 16.05
CA LEU A 175 6.04 19.83 15.02
C LEU A 175 6.04 21.03 14.05
N GLN A 176 4.90 21.38 13.48
CA GLN A 176 4.84 22.45 12.49
C GLN A 176 5.10 23.80 13.11
N ARG A 177 4.65 24.00 14.34
CA ARG A 177 4.99 25.26 15.01
C ARG A 177 6.50 25.42 15.10
N ARG A 178 7.21 24.35 15.42
CA ARG A 178 8.66 24.42 15.57
C ARG A 178 9.41 24.54 14.24
N VAL A 179 9.18 23.59 13.33
CA VAL A 179 10.04 23.48 12.13
C VAL A 179 9.48 24.14 10.86
N VAL A 180 8.16 24.27 10.76
CA VAL A 180 7.60 24.91 9.58
C VAL A 180 7.38 26.42 9.77
N PHE A 181 6.75 26.81 10.86
CA PHE A 181 6.47 28.22 11.10
C PHE A 181 7.49 28.93 11.96
N ARG A 182 8.26 28.16 12.74
CA ARG A 182 9.23 28.66 13.70
C ARG A 182 8.56 29.71 14.59
N ALA A 183 7.39 29.36 15.11
CA ALA A 183 6.52 30.34 15.75
C ALA A 183 6.00 29.80 17.06
N ASN A 184 5.60 30.70 17.97
CA ASN A 184 5.07 30.27 19.22
C ASN A 184 3.54 30.14 19.16
N ARG A 185 2.95 29.69 20.28
CA ARG A 185 1.51 29.46 20.35
C ARG A 185 0.71 30.73 20.09
N ALA A 186 1.13 31.86 20.68
CA ALA A 186 0.42 33.15 20.49
C ALA A 186 0.44 33.58 19.03
N GLU A 187 1.59 33.38 18.38
CA GLU A 187 1.72 33.78 16.98
C GLU A 187 0.82 32.95 16.03
N VAL A 188 0.82 31.65 16.29
CA VAL A 188 0.03 30.70 15.51
C VAL A 188 -1.49 30.91 15.75
N GLN A 189 -1.89 31.22 16.99
CA GLN A 189 -3.28 31.58 17.27
C GLN A 189 -3.68 32.85 16.51
N ALA A 190 -2.77 33.84 16.50
CA ALA A 190 -3.00 35.10 15.76
C ALA A 190 -3.21 34.87 14.28
N ILE A 191 -2.45 33.95 13.67
CA ILE A 191 -2.70 33.60 12.27
C ILE A 191 -4.18 33.18 12.05
N ALA A 192 -4.69 32.31 12.92
CA ALA A 192 -6.05 31.83 12.81
C ALA A 192 -7.10 32.94 13.04
N THR A 193 -6.86 33.71 14.08
CA THR A 193 -7.80 34.72 14.52
C THR A 193 -7.77 35.90 13.50
N ASP A 194 -6.62 36.22 12.94
CA ASP A 194 -6.55 37.21 11.85
C ASP A 194 -7.24 36.72 10.59
N GLY A 195 -7.03 35.45 10.24
CA GLY A 195 -7.80 34.87 9.11
C GLY A 195 -9.32 34.97 9.37
N ALA A 196 -9.76 34.68 10.59
CA ALA A 196 -11.21 34.79 10.93
C ALA A 196 -11.73 36.23 10.76
N ARG A 197 -10.97 37.20 11.27
CA ARG A 197 -11.32 38.63 11.11
C ARG A 197 -11.46 39.02 9.65
N LYS A 198 -10.52 38.55 8.84
CA LYS A 198 -10.57 38.77 7.38
C LYS A 198 -11.82 38.13 6.76
N CYS A 199 -12.14 36.89 7.16
CA CYS A 199 -13.39 36.26 6.74
C CYS A 199 -14.63 37.11 7.03
N VAL A 200 -14.72 37.63 8.27
CA VAL A 200 -15.85 38.49 8.68
C VAL A 200 -15.93 39.79 7.86
N GLU A 201 -14.77 40.43 7.62
CA GLU A 201 -14.68 41.64 6.80
C GLU A 201 -15.16 41.38 5.38
N GLN A 202 -14.64 40.31 4.77
CA GLN A 202 -15.00 39.96 3.40
C GLN A 202 -16.48 39.60 3.25
N ALA A 203 -17.03 38.90 4.24
CA ALA A 203 -18.44 38.49 4.18
C ALA A 203 -19.33 39.71 4.19
N ALA A 204 -18.95 40.71 4.97
CA ALA A 204 -19.67 41.99 5.00
C ALA A 204 -19.59 42.76 3.67
N LYS A 205 -18.61 42.46 2.83
CA LYS A 205 -18.50 43.11 1.51
C LYS A 205 -19.27 42.37 0.40
N TYR A 206 -19.75 41.16 0.67
CA TYR A 206 -20.40 40.38 -0.37
C TYR A 206 -21.83 40.06 0.04
N PRO A 207 -22.78 40.89 -0.39
CA PRO A 207 -24.15 40.73 0.10
C PRO A 207 -24.87 39.53 -0.50
N GLY A 208 -26.00 39.15 0.12
CA GLY A 208 -26.90 38.17 -0.45
C GLY A 208 -26.47 36.74 -0.12
N THR A 209 -25.21 36.40 -0.40
CA THR A 209 -24.69 35.06 -0.09
C THR A 209 -24.82 34.75 1.39
N GLN A 210 -25.33 33.55 1.73
CA GLN A 210 -25.34 33.13 3.15
C GLN A 210 -23.98 32.52 3.46
N TRP A 211 -23.09 33.34 4.01
CA TRP A 211 -21.73 32.92 4.31
C TRP A 211 -21.72 32.15 5.61
N ARG A 212 -21.02 31.03 5.61
CA ARG A 212 -20.85 30.26 6.84
C ARG A 212 -19.38 29.88 6.92
N PHE A 213 -18.91 29.53 8.12
CA PHE A 213 -17.47 29.32 8.29
C PHE A 213 -17.15 28.00 8.90
N GLU A 214 -15.96 27.53 8.53
CA GLU A 214 -15.37 26.34 9.10
C GLU A 214 -13.91 26.63 9.39
N TYR A 215 -13.44 26.22 10.56
CA TYR A 215 -12.05 26.40 10.90
C TYR A 215 -11.46 25.04 11.29
N SER A 216 -10.30 24.71 10.70
CA SER A 216 -9.52 23.53 11.11
C SER A 216 -8.17 23.92 11.72
N PRO A 217 -7.91 23.46 12.95
CA PRO A 217 -6.51 23.45 13.38
C PRO A 217 -5.84 22.25 12.66
N GLU A 218 -5.18 22.55 11.56
CA GLU A 218 -4.62 21.53 10.72
C GLU A 218 -3.49 20.79 11.50
N SER A 219 -3.34 19.49 11.24
CA SER A 219 -2.48 18.62 12.09
C SER A 219 -2.92 18.66 13.55
N TYR A 220 -4.25 18.71 13.74
CA TYR A 220 -4.87 18.62 15.05
C TYR A 220 -4.34 17.41 15.86
N THR A 221 -4.17 16.26 15.21
CA THR A 221 -3.74 15.10 15.97
C THR A 221 -2.34 15.26 16.52
N GLY A 222 -1.55 16.11 15.90
CA GLY A 222 -0.21 16.48 16.44
C GLY A 222 -0.12 17.67 17.39
N THR A 223 -1.29 18.15 17.83
CA THR A 223 -1.44 19.41 18.60
C THR A 223 -1.92 19.07 20.03
N GLU A 224 -1.47 19.83 21.03
CA GLU A 224 -1.97 19.70 22.41
C GLU A 224 -3.46 20.08 22.46
N LEU A 225 -4.29 19.28 23.13
CA LEU A 225 -5.75 19.56 23.11
C LEU A 225 -6.11 20.90 23.74
N GLU A 226 -5.48 21.22 24.85
CA GLU A 226 -5.71 22.52 25.49
C GLU A 226 -5.48 23.66 24.51
N TYR A 227 -4.43 23.54 23.71
CA TYR A 227 -4.09 24.56 22.72
C TYR A 227 -5.04 24.57 21.53
N ALA A 228 -5.40 23.38 21.02
CA ALA A 228 -6.39 23.33 19.94
C ALA A 228 -7.71 23.99 20.38
N LYS A 229 -8.12 23.70 21.62
CA LYS A 229 -9.30 24.30 22.20
C LYS A 229 -9.17 25.79 22.31
N GLN A 230 -8.02 26.28 22.77
CA GLN A 230 -7.79 27.73 22.82
C GLN A 230 -7.92 28.43 21.48
N VAL A 231 -7.29 27.86 20.45
CA VAL A 231 -7.30 28.49 19.12
C VAL A 231 -8.71 28.51 18.57
N CYS A 232 -9.39 27.36 18.64
CA CYS A 232 -10.79 27.27 18.23
C CYS A 232 -11.66 28.29 18.95
N ASP A 233 -11.55 28.34 20.27
CA ASP A 233 -12.37 29.29 21.04
C ASP A 233 -12.17 30.71 20.54
N ALA A 234 -10.90 31.06 20.33
CA ALA A 234 -10.53 32.40 19.91
C ALA A 234 -11.07 32.72 18.51
N VAL A 235 -10.97 31.75 17.59
CA VAL A 235 -11.58 31.92 16.26
C VAL A 235 -13.07 32.13 16.41
N GLY A 236 -13.69 31.34 17.27
CA GLY A 236 -15.15 31.44 17.50
C GLY A 236 -15.54 32.83 18.04
N GLU A 237 -14.75 33.36 18.98
CA GLU A 237 -14.99 34.74 19.45
C GLU A 237 -15.01 35.77 18.33
N VAL A 238 -14.16 35.60 17.32
CA VAL A 238 -14.14 36.51 16.18
C VAL A 238 -15.39 36.35 15.32
N ILE A 239 -15.72 35.10 14.99
CA ILE A 239 -16.82 34.84 14.07
C ILE A 239 -18.18 35.11 14.71
N ALA A 240 -18.25 34.94 16.03
CA ALA A 240 -19.47 35.09 16.81
C ALA A 240 -20.63 34.25 16.31
N PRO A 241 -20.45 32.90 16.23
CA PRO A 241 -21.56 32.08 15.76
C PRO A 241 -22.70 31.98 16.79
N THR A 242 -23.88 31.60 16.32
CA THR A 242 -25.09 31.38 17.12
C THR A 242 -25.64 30.00 16.80
N PRO A 243 -26.62 29.51 17.60
CA PRO A 243 -27.26 28.25 17.29
C PRO A 243 -27.93 28.26 15.91
N GLU A 244 -28.46 29.41 15.49
CA GLU A 244 -29.04 29.56 14.15
C GLU A 244 -27.95 29.69 13.05
N ARG A 245 -26.78 30.28 13.37
CA ARG A 245 -25.68 30.40 12.41
C ARG A 245 -24.41 29.78 13.03
N PRO A 246 -24.35 28.45 13.15
CA PRO A 246 -23.20 27.84 13.84
C PRO A 246 -21.90 27.91 13.04
N ILE A 247 -20.79 27.76 13.74
CA ILE A 247 -19.50 27.59 13.12
C ILE A 247 -19.20 26.08 13.13
N ILE A 248 -18.47 25.64 12.12
CA ILE A 248 -17.89 24.28 12.13
C ILE A 248 -16.43 24.32 12.60
N PHE A 249 -16.12 23.55 13.65
CA PHE A 249 -14.72 23.28 13.98
C PHE A 249 -14.42 21.86 13.51
N ASN A 250 -13.48 21.76 12.59
CA ASN A 250 -13.20 20.49 11.93
C ASN A 250 -11.84 20.07 12.45
N LEU A 251 -11.76 18.84 12.99
CA LEU A 251 -10.57 18.39 13.73
C LEU A 251 -9.88 17.25 12.99
N PRO A 252 -8.90 17.58 12.13
CA PRO A 252 -8.38 16.55 11.25
C PRO A 252 -7.30 15.66 11.85
N ALA A 253 -7.37 14.36 11.56
CA ALA A 253 -6.20 13.51 11.67
C ALA A 253 -5.47 13.63 10.35
N THR A 254 -4.78 14.76 10.21
CA THR A 254 -4.10 15.16 8.98
C THR A 254 -3.12 14.04 8.68
N VAL A 255 -2.46 13.58 9.73
CA VAL A 255 -1.83 12.28 9.72
C VAL A 255 -2.53 11.50 10.81
N GLU A 256 -2.90 10.28 10.49
CA GLU A 256 -3.41 9.40 11.49
C GLU A 256 -2.21 8.91 12.35
N MET A 257 -2.19 9.33 13.62
CA MET A 257 -0.98 9.19 14.46
C MET A 257 -1.08 8.07 15.50
N THR A 258 -2.29 7.72 15.93
CA THR A 258 -2.43 6.65 16.91
C THR A 258 -3.74 5.88 16.68
N THR A 259 -4.09 5.05 17.67
CA THR A 259 -5.26 4.19 17.65
C THR A 259 -6.56 5.03 17.73
N PRO A 260 -7.67 4.50 17.18
CA PRO A 260 -8.87 5.33 17.02
C PRO A 260 -9.58 5.63 18.34
N ASN A 261 -9.30 4.85 19.39
CA ASN A 261 -9.86 5.17 20.70
C ASN A 261 -9.24 6.48 21.24
N VAL A 262 -7.98 6.73 20.94
CA VAL A 262 -7.33 7.94 21.45
C VAL A 262 -7.84 9.16 20.69
N TYR A 263 -8.05 8.99 19.38
CA TYR A 263 -8.68 10.04 18.62
C TYR A 263 -10.06 10.35 19.19
N ALA A 264 -10.85 9.30 19.47
CA ALA A 264 -12.20 9.46 20.03
C ALA A 264 -12.14 10.14 21.41
N ASP A 265 -11.18 9.76 22.24
CA ASP A 265 -11.01 10.46 23.52
C ASP A 265 -10.80 11.94 23.28
N SER A 266 -9.94 12.28 22.32
CA SER A 266 -9.67 13.70 22.03
C SER A 266 -10.93 14.47 21.57
N ILE A 267 -11.73 13.84 20.70
CA ILE A 267 -13.01 14.43 20.25
C ILE A 267 -13.99 14.63 21.42
N GLU A 268 -14.13 13.63 22.29
CA GLU A 268 -15.01 13.80 23.46
C GLU A 268 -14.53 14.99 24.34
N TRP A 269 -13.23 15.05 24.56
CA TRP A 269 -12.70 16.12 25.37
C TRP A 269 -13.00 17.47 24.66
N MET A 270 -12.75 17.55 23.36
CA MET A 270 -13.01 18.79 22.66
C MET A 270 -14.50 19.13 22.74
N SER A 271 -15.35 18.12 22.53
CA SER A 271 -16.80 18.38 22.52
C SER A 271 -17.25 18.90 23.90
N ARG A 272 -16.65 18.39 24.97
CA ARG A 272 -17.06 18.78 26.33
C ARG A 272 -16.46 20.10 26.78
N ASN A 273 -15.39 20.55 26.12
CA ASN A 273 -14.60 21.69 26.62
C ASN A 273 -14.63 22.96 25.76
N LEU A 274 -14.93 22.82 24.47
CA LEU A 274 -15.05 24.00 23.61
C LEU A 274 -16.13 24.95 24.13
N ALA A 275 -15.86 26.25 24.02
CA ALA A 275 -16.81 27.32 24.35
C ALA A 275 -17.96 27.33 23.36
N ASN A 276 -19.10 27.89 23.77
CA ASN A 276 -20.19 28.16 22.84
C ASN A 276 -20.61 26.89 22.06
N ARG A 277 -20.68 25.78 22.80
CA ARG A 277 -20.91 24.47 22.17
C ARG A 277 -22.21 24.38 21.37
N GLU A 278 -23.25 25.09 21.81
CA GLU A 278 -24.53 25.14 21.11
CA GLU A 278 -24.50 25.04 21.05
C GLU A 278 -24.41 25.75 19.70
N SER A 279 -23.35 26.51 19.47
CA SER A 279 -23.14 27.21 18.18
C SER A 279 -22.03 26.57 17.36
N VAL A 280 -21.66 25.36 17.75
CA VAL A 280 -20.56 24.61 17.12
C VAL A 280 -21.09 23.31 16.51
N ILE A 281 -20.79 23.11 15.22
CA ILE A 281 -20.90 21.80 14.56
C ILE A 281 -19.51 21.18 14.58
N LEU A 282 -19.38 20.11 15.34
CA LEU A 282 -18.05 19.50 15.54
C LEU A 282 -17.81 18.44 14.46
N SER A 283 -16.75 18.63 13.67
CA SER A 283 -16.55 17.85 12.47
C SER A 283 -15.24 17.09 12.55
N LEU A 284 -15.28 15.90 11.99
CA LEU A 284 -14.10 15.01 11.97
C LEU A 284 -13.56 14.88 10.57
N HIS A 285 -12.23 14.74 10.44
CA HIS A 285 -11.60 14.64 9.11
C HIS A 285 -10.45 13.65 9.22
N PRO A 286 -10.76 12.35 9.27
CA PRO A 286 -9.67 11.41 9.52
C PRO A 286 -8.99 10.90 8.24
N HIS A 287 -7.66 10.82 8.25
CA HIS A 287 -6.92 10.16 7.18
C HIS A 287 -6.54 8.77 7.65
N ASN A 288 -5.99 7.96 6.76
CA ASN A 288 -5.97 6.52 6.99
C ASN A 288 -4.56 5.91 7.19
N ASP A 289 -3.61 6.69 7.71
CA ASP A 289 -2.18 6.25 7.73
C ASP A 289 -1.91 4.98 8.51
N ARG A 290 -2.74 4.70 9.49
CA ARG A 290 -2.63 3.46 10.26
C ARG A 290 -3.73 2.47 9.95
N GLY A 291 -4.48 2.73 8.86
CA GLY A 291 -5.55 1.85 8.44
C GLY A 291 -6.78 1.94 9.33
N THR A 292 -6.89 2.98 10.14
CA THR A 292 -8.02 2.97 11.05
C THR A 292 -8.92 4.20 10.92
N ALA A 293 -8.96 4.79 9.72
CA ALA A 293 -9.78 6.00 9.55
C ALA A 293 -11.28 5.77 9.79
N VAL A 294 -11.80 4.68 9.24
CA VAL A 294 -13.21 4.36 9.48
C VAL A 294 -13.52 4.24 10.98
N ALA A 295 -12.68 3.50 11.71
CA ALA A 295 -12.84 3.38 13.16
C ALA A 295 -12.76 4.72 13.88
N ALA A 296 -11.79 5.56 13.50
CA ALA A 296 -11.63 6.87 14.09
C ALA A 296 -12.92 7.71 13.91
N ALA A 297 -13.49 7.67 12.72
CA ALA A 297 -14.74 8.37 12.45
C ALA A 297 -15.92 7.80 13.26
N GLU A 298 -16.06 6.48 13.32
CA GLU A 298 -17.23 5.90 14.03
C GLU A 298 -17.14 6.09 15.55
N LEU A 299 -15.94 5.88 16.07
CA LEU A 299 -15.75 6.10 17.53
C LEU A 299 -15.80 7.62 17.83
N GLY A 300 -15.22 8.42 16.97
CA GLY A 300 -15.30 9.90 17.08
C GLY A 300 -16.74 10.44 17.08
N PHE A 301 -17.57 9.84 16.23
CA PHE A 301 -18.95 10.26 16.14
C PHE A 301 -19.64 9.89 17.48
N ALA A 302 -19.37 8.69 18.00
CA ALA A 302 -19.92 8.25 19.31
C ALA A 302 -19.42 9.17 20.41
N ALA A 303 -18.29 9.83 20.19
CA ALA A 303 -17.71 10.74 21.17
C ALA A 303 -18.34 12.15 21.17
N GLY A 304 -19.25 12.43 20.27
CA GLY A 304 -19.97 13.73 20.33
C GLY A 304 -19.83 14.61 19.11
N ALA A 305 -19.09 14.15 18.10
CA ALA A 305 -18.96 14.93 16.86
C ALA A 305 -20.33 15.00 16.18
N ASP A 306 -20.49 15.96 15.27
CA ASP A 306 -21.77 16.19 14.58
C ASP A 306 -21.68 15.88 13.08
N ARG A 307 -20.44 15.83 12.56
CA ARG A 307 -20.25 15.91 11.12
C ARG A 307 -18.98 15.17 10.75
N ILE A 308 -18.94 14.57 9.55
CA ILE A 308 -17.74 13.79 9.12
C ILE A 308 -17.40 14.18 7.68
N GLU A 309 -16.14 14.55 7.44
CA GLU A 309 -15.63 14.81 6.07
C GLU A 309 -14.93 13.56 5.60
N GLY A 310 -15.20 13.17 4.36
CA GLY A 310 -14.53 12.01 3.78
C GLY A 310 -14.68 11.98 2.25
N CYS A 311 -14.19 10.91 1.61
CA CYS A 311 -14.37 10.74 0.18
C CYS A 311 -14.98 9.39 -0.12
N LEU A 312 -15.62 9.29 -1.28
CA LEU A 312 -16.14 8.02 -1.72
C LEU A 312 -14.97 7.06 -1.96
N PHE A 313 -15.06 5.87 -1.38
CA PHE A 313 -14.01 4.84 -1.55
C PHE A 313 -12.61 5.27 -1.08
N GLY A 314 -12.58 6.21 -0.14
CA GLY A 314 -11.35 6.58 0.55
C GLY A 314 -10.22 7.16 -0.28
N ASN A 315 -10.56 7.92 -1.33
CA ASN A 315 -9.54 8.72 -2.00
C ASN A 315 -9.06 9.87 -1.09
N GLY A 316 -7.91 10.43 -1.41
CA GLY A 316 -7.37 11.56 -0.64
C GLY A 316 -5.87 11.34 -0.45
N GLU A 317 -5.20 12.32 0.13
CA GLU A 317 -3.75 12.28 0.29
C GLU A 317 -3.24 10.97 0.90
N ARG A 318 -2.20 10.41 0.27
CA ARG A 318 -1.49 9.20 0.78
C ARG A 318 -2.40 7.97 0.90
N THR A 319 -2.80 7.63 2.14
CA THR A 319 -3.67 6.48 2.39
C THR A 319 -5.14 6.85 2.23
N GLY A 320 -5.40 8.14 2.08
CA GLY A 320 -6.74 8.58 1.71
C GLY A 320 -7.49 9.17 2.87
N ASN A 321 -8.64 9.79 2.55
CA ASN A 321 -9.60 10.26 3.56
C ASN A 321 -10.46 9.09 3.96
N VAL A 322 -11.13 9.21 5.09
CA VAL A 322 -12.08 8.19 5.50
C VAL A 322 -13.12 7.85 4.39
N CYS A 323 -13.35 6.54 4.17
CA CYS A 323 -14.34 6.09 3.15
C CYS A 323 -15.80 6.38 3.53
N LEU A 324 -16.43 7.30 2.80
CA LEU A 324 -17.84 7.61 3.03
C LEU A 324 -18.78 6.45 2.72
N VAL A 325 -18.40 5.60 1.77
CA VAL A 325 -19.21 4.46 1.40
C VAL A 325 -19.24 3.43 2.56
N THR A 326 -18.07 3.06 3.07
CA THR A 326 -17.97 2.13 4.22
C THR A 326 -18.73 2.72 5.42
N LEU A 327 -18.53 4.00 5.71
CA LEU A 327 -19.21 4.60 6.87
C LEU A 327 -20.71 4.57 6.69
N GLY A 328 -21.18 4.94 5.50
CA GLY A 328 -22.66 4.96 5.28
C GLY A 328 -23.30 3.58 5.30
N LEU A 329 -22.66 2.60 4.66
CA LEU A 329 -23.20 1.25 4.62
C LEU A 329 -23.01 0.51 5.95
N ASN A 330 -22.00 0.92 6.72
CA ASN A 330 -21.89 0.43 8.11
C ASN A 330 -23.08 0.82 9.00
N LEU A 331 -23.68 1.97 8.73
CA LEU A 331 -24.93 2.35 9.40
C LEU A 331 -26.11 1.51 8.88
N PHE A 332 -26.26 1.50 7.54
CA PHE A 332 -27.34 0.76 6.86
C PHE A 332 -27.43 -0.68 7.35
N SER A 333 -26.27 -1.37 7.44
CA SER A 333 -26.26 -2.79 7.76
C SER A 333 -26.48 -3.07 9.24
N ARG A 334 -26.55 -2.03 10.05
CA ARG A 334 -26.91 -2.19 11.45
C ARG A 334 -28.22 -1.46 11.75
N GLY A 335 -28.98 -1.18 10.68
CA GLY A 335 -30.37 -0.67 10.80
C GLY A 335 -30.52 0.82 11.00
N VAL A 336 -29.52 1.61 10.59
CA VAL A 336 -29.59 3.05 10.75
C VAL A 336 -29.50 3.66 9.35
N ASP A 337 -30.47 4.50 9.01
CA ASP A 337 -30.51 5.12 7.65
C ASP A 337 -29.35 6.09 7.48
N PRO A 338 -28.44 5.85 6.50
CA PRO A 338 -27.36 6.80 6.32
C PRO A 338 -27.78 8.12 5.66
N GLN A 339 -29.04 8.18 5.17
CA GLN A 339 -29.58 9.36 4.48
C GLN A 339 -28.84 9.67 3.16
N ILE A 340 -28.22 8.63 2.62
CA ILE A 340 -27.51 8.62 1.36
C ILE A 340 -27.92 7.37 0.59
N ASP A 341 -28.10 7.49 -0.73
CA ASP A 341 -28.54 6.36 -1.51
C ASP A 341 -27.36 5.54 -2.02
N PHE A 342 -27.26 4.29 -1.57
CA PHE A 342 -26.18 3.39 -2.00
C PHE A 342 -26.82 2.20 -2.73
N SER A 343 -28.06 2.37 -3.18
CA SER A 343 -28.80 1.26 -3.80
C SER A 343 -28.15 0.75 -5.12
N ASN A 344 -27.22 1.50 -5.69
CA ASN A 344 -26.49 1.04 -6.87
C ASN A 344 -25.02 1.33 -6.73
N ILE A 345 -24.37 0.55 -5.88
CA ILE A 345 -22.96 0.79 -5.57
C ILE A 345 -22.07 0.56 -6.77
N ASP A 346 -22.49 -0.28 -7.71
CA ASP A 346 -21.70 -0.44 -8.95
C ASP A 346 -21.64 0.87 -9.75
N GLU A 347 -22.76 1.60 -9.84
CA GLU A 347 -22.78 2.88 -10.52
C GLU A 347 -21.88 3.87 -9.81
N ILE A 348 -21.99 3.94 -8.48
CA ILE A 348 -21.11 4.77 -7.68
C ILE A 348 -19.64 4.41 -7.96
N ARG A 349 -19.31 3.11 -7.92
CA ARG A 349 -17.94 2.70 -8.14
C ARG A 349 -17.47 3.05 -9.56
N ARG A 350 -18.28 2.75 -10.57
CA ARG A 350 -17.89 3.11 -11.94
C ARG A 350 -17.56 4.59 -12.08
N THR A 351 -18.39 5.44 -11.51
CA THR A 351 -18.22 6.87 -11.62
C THR A 351 -17.01 7.33 -10.85
N VAL A 352 -16.82 6.81 -9.64
CA VAL A 352 -15.62 7.17 -8.87
C VAL A 352 -14.32 6.75 -9.62
N GLU A 353 -14.32 5.55 -10.21
CA GLU A 353 -13.14 5.09 -10.95
C GLU A 353 -12.84 5.95 -12.18
N TYR A 354 -13.87 6.31 -12.93
CA TYR A 354 -13.77 7.25 -14.04
C TYR A 354 -13.22 8.61 -13.58
N CYS A 355 -13.79 9.16 -12.49
CA CYS A 355 -13.37 10.51 -12.07
C CYS A 355 -11.96 10.49 -11.50
N ASN A 356 -11.64 9.51 -10.68
CA ASN A 356 -10.33 9.46 -10.02
C ASN A 356 -9.24 8.79 -10.86
N GLN A 357 -9.66 7.96 -11.81
CA GLN A 357 -8.73 7.10 -12.59
CA GLN A 357 -8.73 7.10 -12.59
C GLN A 357 -7.88 6.22 -11.68
N LEU A 358 -8.47 5.78 -10.55
CA LEU A 358 -7.87 4.84 -9.59
C LEU A 358 -8.96 3.81 -9.28
N PRO A 359 -8.60 2.52 -9.23
CA PRO A 359 -9.56 1.45 -9.05
C PRO A 359 -10.02 1.34 -7.60
N VAL A 360 -11.25 0.87 -7.43
CA VAL A 360 -11.66 0.40 -6.12
C VAL A 360 -11.05 -1.01 -5.97
N HIS A 361 -10.31 -1.22 -4.88
CA HIS A 361 -9.68 -2.51 -4.62
C HIS A 361 -10.67 -3.67 -4.50
N GLU A 362 -10.23 -4.86 -4.93
CA GLU A 362 -11.06 -6.06 -4.97
C GLU A 362 -11.70 -6.37 -3.62
N ARG A 363 -11.04 -5.93 -2.55
CA ARG A 363 -11.49 -6.30 -1.20
C ARG A 363 -12.11 -5.13 -0.43
N HIS A 364 -12.31 -4.00 -1.12
CA HIS A 364 -12.84 -2.78 -0.47
C HIS A 364 -14.22 -3.09 0.10
N PRO A 365 -14.47 -2.71 1.37
CA PRO A 365 -15.80 -3.00 1.90
C PRO A 365 -16.94 -2.56 0.98
N TYR A 366 -17.92 -3.45 0.85
CA TYR A 366 -19.21 -3.21 0.13
C TYR A 366 -19.10 -3.10 -1.37
N GLY A 367 -18.04 -2.46 -1.83
CA GLY A 367 -17.90 -2.17 -3.27
C GLY A 367 -16.90 -2.99 -4.06
N GLY A 368 -16.05 -3.75 -3.37
CA GLY A 368 -14.97 -4.44 -4.04
C GLY A 368 -15.51 -5.63 -4.81
N ASP A 369 -14.81 -6.00 -5.86
CA ASP A 369 -15.18 -7.13 -6.74
C ASP A 369 -15.53 -8.42 -5.99
N LEU A 370 -14.76 -8.73 -4.94
CA LEU A 370 -14.81 -10.05 -4.33
C LEU A 370 -15.63 -10.12 -3.03
N VAL A 371 -16.24 -9.01 -2.64
CA VAL A 371 -16.75 -8.97 -1.26
C VAL A 371 -18.06 -9.79 -1.06
N TYR A 372 -18.78 -10.09 -2.13
CA TYR A 372 -19.97 -10.96 -2.05
C TYR A 372 -19.80 -12.28 -2.78
N THR A 373 -18.56 -12.75 -2.87
CA THR A 373 -18.24 -14.05 -3.44
C THR A 373 -17.85 -15.01 -2.35
N ALA A 374 -18.28 -16.27 -2.50
CA ALA A 374 -17.86 -17.36 -1.61
C ALA A 374 -17.28 -18.43 -2.47
N PHE A 375 -16.01 -18.78 -2.21
CA PHE A 375 -15.36 -19.87 -2.93
C PHE A 375 -15.41 -21.19 -2.17
N SER A 376 -15.72 -21.12 -0.90
CA SER A 376 -15.80 -22.29 -0.05
C SER A 376 -17.11 -23.04 -0.24
N GLY A 377 -17.03 -24.33 -0.57
CA GLY A 377 -18.22 -25.23 -0.56
C GLY A 377 -19.02 -25.21 0.76
N SER A 378 -18.32 -25.19 1.89
CA SER A 378 -18.99 -25.07 3.21
C SER A 378 -19.73 -23.74 3.39
N HIS A 379 -19.08 -22.63 3.03
CA HIS A 379 -19.77 -21.32 3.11
C HIS A 379 -20.99 -21.29 2.19
N GLN A 380 -20.83 -21.83 0.98
CA GLN A 380 -21.94 -21.80 -0.01
C GLN A 380 -23.13 -22.58 0.52
N ASP A 381 -22.89 -23.76 1.12
CA ASP A 381 -23.93 -24.56 1.76
C ASP A 381 -24.63 -23.75 2.85
N ALA A 382 -23.86 -23.10 3.73
CA ALA A 382 -24.44 -22.32 4.82
C ALA A 382 -25.27 -21.15 4.31
N ILE A 383 -24.77 -20.47 3.28
CA ILE A 383 -25.51 -19.39 2.63
C ILE A 383 -26.85 -19.91 2.07
N ASN A 384 -26.83 -21.06 1.42
CA ASN A 384 -28.08 -21.59 0.87
C ASN A 384 -29.08 -21.94 1.94
N LYS A 385 -28.59 -22.49 3.03
CA LYS A 385 -29.47 -22.87 4.12
C LYS A 385 -30.14 -21.64 4.73
N GLY A 386 -29.38 -20.54 4.86
CA GLY A 386 -29.92 -19.26 5.40
C GLY A 386 -30.98 -18.68 4.47
N LEU A 387 -30.68 -18.67 3.17
CA LEU A 387 -31.64 -18.21 2.14
C LEU A 387 -32.93 -19.06 2.15
N ASP A 388 -32.80 -20.36 2.37
CA ASP A 388 -33.99 -21.25 2.41
C ASP A 388 -34.87 -20.99 3.62
N ALA A 389 -34.24 -20.83 4.79
CA ALA A 389 -34.97 -20.51 6.01
C ALA A 389 -35.64 -19.16 5.85
N MET A 390 -34.98 -18.20 5.19
CA MET A 390 -35.66 -16.91 4.93
C MET A 390 -36.91 -17.09 4.04
N LYS A 391 -36.76 -17.88 2.98
CA LYS A 391 -37.85 -18.07 2.03
C LYS A 391 -39.00 -18.76 2.74
N LEU A 392 -38.68 -19.75 3.58
CA LEU A 392 -39.67 -20.45 4.43
C LEU A 392 -40.51 -19.48 5.24
N ASP A 393 -39.83 -18.65 6.05
CA ASP A 393 -40.50 -17.65 6.90
C ASP A 393 -41.37 -16.67 6.11
N ALA A 394 -40.89 -16.32 4.92
CA ALA A 394 -41.61 -15.39 4.03
C ALA A 394 -42.94 -15.99 3.54
N ASP A 395 -42.92 -17.29 3.23
CA ASP A 395 -44.12 -18.03 2.84
C ASP A 395 -45.06 -18.13 4.04
N ALA A 396 -44.51 -18.48 5.19
CA ALA A 396 -45.27 -18.59 6.43
C ALA A 396 -45.74 -17.24 7.01
N ALA A 397 -45.62 -16.17 6.23
CA ALA A 397 -46.03 -14.84 6.71
C ALA A 397 -46.68 -13.99 5.61
N ASP A 398 -46.83 -14.58 4.43
CA ASP A 398 -47.27 -13.87 3.22
C ASP A 398 -46.54 -12.54 3.04
N CYS A 399 -45.20 -12.62 3.02
CA CYS A 399 -44.33 -11.48 2.79
C CYS A 399 -43.36 -11.79 1.68
N ASP A 400 -42.95 -10.75 0.99
CA ASP A 400 -41.85 -10.86 0.06
C ASP A 400 -40.58 -11.14 0.90
N VAL A 401 -39.78 -12.13 0.49
CA VAL A 401 -38.51 -12.38 1.21
C VAL A 401 -37.61 -11.15 1.18
N ASP A 402 -37.72 -10.37 0.11
CA ASP A 402 -36.86 -9.24 -0.09
C ASP A 402 -37.15 -8.10 0.88
N ASP A 403 -38.24 -8.22 1.64
CA ASP A 403 -38.56 -7.23 2.68
C ASP A 403 -38.40 -7.77 4.09
N MET A 404 -37.96 -9.03 4.23
CA MET A 404 -37.78 -9.61 5.57
C MET A 404 -36.37 -9.37 6.12
N LEU A 405 -36.23 -9.52 7.43
CA LEU A 405 -34.93 -9.40 8.10
C LEU A 405 -33.91 -10.29 7.40
N TRP A 406 -32.79 -9.73 6.99
CA TRP A 406 -31.75 -10.53 6.34
C TRP A 406 -31.03 -11.41 7.36
N GLN A 407 -31.00 -12.71 7.09
CA GLN A 407 -30.51 -13.72 8.05
C GLN A 407 -29.68 -14.76 7.31
N VAL A 408 -28.48 -14.35 6.85
CA VAL A 408 -27.72 -15.28 5.97
C VAL A 408 -26.25 -15.37 6.42
N PRO A 409 -25.78 -16.57 6.81
CA PRO A 409 -24.37 -16.70 7.25
C PRO A 409 -23.40 -16.15 6.21
N TYR A 410 -22.33 -15.50 6.68
CA TYR A 410 -21.25 -14.98 5.81
C TYR A 410 -21.57 -13.73 4.98
N LEU A 411 -22.83 -13.36 4.84
CA LEU A 411 -23.18 -12.18 4.08
C LEU A 411 -23.81 -11.15 4.99
N PRO A 412 -23.06 -10.08 5.37
CA PRO A 412 -23.62 -9.04 6.26
C PRO A 412 -24.86 -8.36 5.71
N ILE A 413 -24.92 -8.17 4.40
CA ILE A 413 -26.11 -7.58 3.79
C ILE A 413 -26.54 -8.41 2.58
N ASP A 414 -27.80 -8.24 2.17
CA ASP A 414 -28.26 -8.75 0.90
C ASP A 414 -27.55 -7.94 -0.20
N PRO A 415 -26.69 -8.60 -1.02
CA PRO A 415 -26.03 -7.87 -2.11
C PRO A 415 -27.01 -7.08 -3.01
N ARG A 416 -28.22 -7.60 -3.19
CA ARG A 416 -29.24 -6.92 -3.98
C ARG A 416 -29.60 -5.54 -3.41
N ASP A 417 -29.46 -5.35 -2.10
CA ASP A 417 -29.79 -4.05 -1.49
C ASP A 417 -28.82 -2.93 -1.94
N VAL A 418 -27.69 -3.31 -2.52
CA VAL A 418 -26.79 -2.32 -3.12
C VAL A 418 -26.61 -2.58 -4.62
N GLY A 419 -27.52 -3.37 -5.16
CA GLY A 419 -27.55 -3.61 -6.60
C GLY A 419 -26.51 -4.62 -7.06
N ARG A 420 -25.99 -5.45 -6.15
CA ARG A 420 -24.97 -6.44 -6.49
C ARG A 420 -25.62 -7.82 -6.42
N THR A 421 -24.85 -8.86 -6.69
CA THR A 421 -25.34 -10.24 -6.57
C THR A 421 -24.34 -11.06 -5.76
N TYR A 422 -24.87 -12.04 -5.00
CA TYR A 422 -24.06 -13.08 -4.41
C TYR A 422 -23.55 -14.03 -5.51
N GLU A 423 -22.25 -14.30 -5.50
CA GLU A 423 -21.63 -15.20 -6.48
C GLU A 423 -20.99 -16.42 -5.80
N ALA A 424 -21.64 -17.58 -5.91
CA ALA A 424 -21.08 -18.86 -5.46
C ALA A 424 -20.17 -19.37 -6.56
N VAL A 425 -18.89 -19.02 -6.52
CA VAL A 425 -18.06 -19.37 -7.67
C VAL A 425 -17.51 -20.78 -7.52
N ILE A 426 -17.63 -21.57 -8.59
CA ILE A 426 -17.04 -22.91 -8.66
C ILE A 426 -15.93 -22.98 -9.71
N LYS A 434 -0.52 -17.03 -15.76
CA LYS A 434 -0.28 -17.47 -14.39
C LYS A 434 1.14 -18.03 -14.21
N GLY A 435 2.06 -17.71 -15.12
CA GLY A 435 3.41 -18.28 -15.09
C GLY A 435 4.30 -17.69 -14.00
N GLY A 436 4.19 -16.37 -13.80
CA GLY A 436 5.01 -15.64 -12.83
C GLY A 436 6.42 -15.40 -13.38
N VAL A 437 6.54 -15.43 -14.70
CA VAL A 437 7.81 -15.31 -15.36
C VAL A 437 8.60 -14.07 -14.93
N ALA A 438 7.98 -12.89 -14.97
CA ALA A 438 8.70 -11.65 -14.70
C ALA A 438 9.24 -11.70 -13.28
N TYR A 439 8.37 -12.09 -12.33
CA TYR A 439 8.77 -12.12 -10.91
C TYR A 439 9.91 -13.12 -10.67
N ILE A 440 9.78 -14.33 -11.23
CA ILE A 440 10.76 -15.39 -10.96
C ILE A 440 12.11 -15.02 -11.56
N MET A 441 12.06 -14.56 -12.80
CA MET A 441 13.31 -14.19 -13.49
C MET A 441 14.05 -13.07 -12.81
N LYS A 442 13.33 -12.05 -12.35
CA LYS A 442 13.94 -10.95 -11.63
C LYS A 442 14.46 -11.38 -10.24
N THR A 443 13.60 -12.05 -9.48
CA THR A 443 13.92 -12.40 -8.08
C THR A 443 15.06 -13.42 -7.95
N ASP A 444 14.99 -14.49 -8.73
CA ASP A 444 15.92 -15.58 -8.64
C ASP A 444 17.16 -15.43 -9.52
N HIS A 445 17.06 -14.63 -10.59
CA HIS A 445 18.12 -14.55 -11.61
C HIS A 445 18.61 -13.17 -11.98
N GLY A 446 17.98 -12.16 -11.38
CA GLY A 446 18.37 -10.74 -11.52
C GLY A 446 18.17 -10.19 -12.94
N LEU A 447 17.23 -10.79 -13.68
CA LEU A 447 16.89 -10.38 -15.04
C LEU A 447 15.54 -9.70 -15.07
N SER A 448 15.51 -8.46 -15.56
CA SER A 448 14.28 -7.73 -15.83
C SER A 448 13.95 -7.85 -17.28
N LEU A 449 13.19 -8.87 -17.63
CA LEU A 449 12.84 -9.13 -19.04
C LEU A 449 11.95 -8.03 -19.62
N PRO A 450 12.29 -7.54 -20.83
CA PRO A 450 11.36 -6.68 -21.56
C PRO A 450 10.00 -7.34 -21.69
N ARG A 451 8.95 -6.52 -21.70
CA ARG A 451 7.57 -7.06 -21.69
C ARG A 451 7.35 -8.05 -22.81
N ARG A 452 7.76 -7.70 -24.03
CA ARG A 452 7.52 -8.58 -25.17
C ARG A 452 8.31 -9.87 -25.08
N LEU A 453 9.47 -9.82 -24.43
CA LEU A 453 10.20 -11.05 -24.15
C LEU A 453 9.48 -11.92 -23.09
N GLN A 454 8.95 -11.27 -22.05
CA GLN A 454 8.19 -11.97 -21.01
C GLN A 454 7.09 -12.75 -21.70
N ILE A 455 6.36 -12.09 -22.60
CA ILE A 455 5.32 -12.75 -23.39
C ILE A 455 5.82 -13.95 -24.22
N GLU A 456 6.78 -13.69 -25.11
CA GLU A 456 7.45 -14.73 -25.92
C GLU A 456 7.88 -15.93 -25.06
N PHE A 457 8.62 -15.66 -23.98
CA PHE A 457 9.12 -16.72 -23.12
C PHE A 457 8.03 -17.46 -22.33
N SER A 458 7.04 -16.72 -21.81
CA SER A 458 5.96 -17.41 -21.09
C SER A 458 5.19 -18.36 -22.02
N GLN A 459 5.13 -18.06 -23.32
CA GLN A 459 4.62 -18.97 -24.33
C GLN A 459 5.41 -20.29 -24.43
N VAL A 460 6.75 -20.22 -24.43
CA VAL A 460 7.60 -21.42 -24.31
C VAL A 460 7.25 -22.19 -23.03
N ILE A 461 7.18 -21.48 -21.89
CA ILE A 461 6.79 -22.06 -20.60
C ILE A 461 5.41 -22.74 -20.62
N GLN A 462 4.39 -22.03 -21.14
CA GLN A 462 3.01 -22.57 -21.19
C GLN A 462 3.05 -23.94 -21.84
N LYS A 463 3.63 -24.02 -23.05
CA LYS A 463 3.82 -25.28 -23.78
C LYS A 463 4.46 -26.41 -22.96
N ILE A 464 5.49 -26.13 -22.15
CA ILE A 464 6.23 -27.18 -21.41
C ILE A 464 5.36 -27.93 -20.38
N GLU A 474 2.18 -26.84 -13.76
CA GLU A 474 3.10 -25.72 -13.54
C GLU A 474 4.53 -26.15 -13.76
N VAL A 475 5.33 -25.32 -14.44
CA VAL A 475 6.78 -25.58 -14.44
C VAL A 475 7.37 -24.87 -13.23
N SER A 476 8.23 -25.58 -12.50
CA SER A 476 8.87 -25.01 -11.32
C SER A 476 9.84 -23.87 -11.70
N PRO A 477 10.25 -23.06 -10.71
CA PRO A 477 11.27 -22.05 -10.96
C PRO A 477 12.55 -22.62 -11.62
N LYS A 478 13.03 -23.76 -11.11
CA LYS A 478 14.27 -24.39 -11.62
C LYS A 478 14.11 -24.86 -13.07
N GLU A 479 12.95 -25.44 -13.40
CA GLU A 479 12.58 -25.80 -14.79
C GLU A 479 12.43 -24.60 -15.74
N MET A 480 11.86 -23.50 -15.23
CA MET A 480 11.78 -22.25 -15.97
C MET A 480 13.16 -21.74 -16.35
N TRP A 481 14.07 -21.70 -15.37
CA TRP A 481 15.44 -21.29 -15.65
C TRP A 481 16.16 -22.20 -16.68
N ASP A 482 16.03 -23.52 -16.51
CA ASP A 482 16.60 -24.47 -17.47
C ASP A 482 16.08 -24.20 -18.90
N ALA A 483 14.78 -23.93 -19.04
CA ALA A 483 14.20 -23.62 -20.33
C ALA A 483 14.72 -22.29 -20.89
N PHE A 484 14.86 -21.29 -20.03
CA PHE A 484 15.38 -19.99 -20.43
C PHE A 484 16.81 -20.13 -20.91
N ALA A 485 17.63 -20.81 -20.13
CA ALA A 485 19.01 -21.02 -20.56
C ALA A 485 19.03 -21.76 -21.90
N GLU A 486 18.21 -22.82 -22.05
CA GLU A 486 18.24 -23.65 -23.26
C GLU A 486 17.88 -22.83 -24.49
N GLU A 487 16.92 -21.93 -24.33
CA GLU A 487 16.46 -21.04 -25.40
C GLU A 487 17.41 -19.92 -25.81
N TYR A 488 17.89 -19.15 -24.82
CA TYR A 488 18.55 -17.87 -25.11
C TYR A 488 20.05 -17.86 -24.85
N LEU A 489 20.50 -18.74 -23.95
CA LEU A 489 21.88 -18.61 -23.43
C LEU A 489 22.83 -19.71 -23.93
N ALA A 490 22.36 -20.96 -23.94
CA ALA A 490 23.20 -22.13 -24.30
C ALA A 490 23.49 -22.35 -25.80
N PRO A 491 22.54 -22.02 -26.72
CA PRO A 491 22.79 -22.40 -28.11
C PRO A 491 24.06 -21.85 -28.73
N VAL A 492 24.73 -22.69 -29.51
CA VAL A 492 26.03 -22.40 -30.07
C VAL A 492 26.01 -22.72 -31.60
N ARG A 493 24.82 -23.08 -32.09
CA ARG A 493 24.54 -23.30 -33.52
C ARG A 493 23.22 -22.62 -33.88
N PRO A 494 23.13 -22.02 -35.07
CA PRO A 494 24.17 -22.00 -36.10
C PRO A 494 25.34 -21.06 -35.84
N LEU A 495 25.21 -20.15 -34.89
CA LEU A 495 26.26 -19.13 -34.71
C LEU A 495 26.96 -19.26 -33.35
N GLU A 496 28.29 -19.31 -33.35
CA GLU A 496 29.01 -19.22 -32.09
C GLU A 496 30.01 -18.09 -32.20
N ARG A 497 30.04 -17.21 -31.21
CA ARG A 497 31.00 -16.13 -31.17
C ARG A 497 32.18 -16.54 -30.30
N ILE A 498 33.36 -16.64 -30.89
CA ILE A 498 34.54 -17.08 -30.11
C ILE A 498 35.21 -15.93 -29.38
N ARG A 499 35.57 -14.90 -30.14
CA ARG A 499 36.21 -13.75 -29.59
C ARG A 499 36.11 -12.66 -30.67
N GLN A 500 36.38 -11.42 -30.31
CA GLN A 500 36.32 -10.32 -31.29
C GLN A 500 37.22 -9.19 -30.87
N HIS A 501 37.63 -8.40 -31.85
CA HIS A 501 38.33 -7.20 -31.55
C HIS A 501 37.46 -6.01 -31.91
N VAL A 502 37.12 -5.21 -30.91
CA VAL A 502 36.34 -3.99 -31.15
C VAL A 502 37.27 -2.78 -31.27
N ASP A 503 37.21 -2.11 -32.43
CA ASP A 503 38.00 -0.92 -32.66
C ASP A 503 37.04 0.27 -32.54
N ALA A 504 36.85 0.78 -31.32
CA ALA A 504 35.86 1.84 -31.08
C ALA A 504 36.38 3.22 -31.51
N ALA A 505 35.47 4.04 -32.06
CA ALA A 505 35.78 5.43 -32.40
C ALA A 505 36.21 6.18 -31.15
N ASP A 506 37.40 6.77 -31.17
CA ASP A 506 37.81 7.65 -30.07
C ASP A 506 36.94 8.91 -29.94
N ASP A 507 36.55 9.49 -31.09
CA ASP A 507 35.74 10.71 -31.13
C ASP A 507 34.26 10.42 -31.26
N ASP A 508 33.46 11.22 -30.55
CA ASP A 508 32.00 11.07 -30.61
C ASP A 508 31.61 11.25 -32.06
N GLY A 509 30.78 10.36 -32.58
CA GLY A 509 30.40 10.53 -34.00
C GLY A 509 31.29 9.81 -35.01
N GLY A 510 32.43 9.29 -34.54
CA GLY A 510 33.26 8.44 -35.41
C GLY A 510 32.72 7.02 -35.60
N THR A 511 33.35 6.29 -36.51
CA THR A 511 32.99 4.94 -36.86
C THR A 511 33.61 3.93 -35.89
N THR A 512 32.84 2.91 -35.53
CA THR A 512 33.34 1.78 -34.74
C THR A 512 33.42 0.55 -35.66
N SER A 513 34.51 -0.20 -35.58
CA SER A 513 34.69 -1.41 -36.36
C SER A 513 34.85 -2.62 -35.47
N ILE A 514 34.52 -3.77 -36.02
CA ILE A 514 34.71 -5.00 -35.32
C ILE A 514 35.22 -6.10 -36.29
N THR A 515 36.09 -6.95 -35.79
CA THR A 515 36.29 -8.22 -36.46
C THR A 515 36.21 -9.33 -35.46
N ALA A 516 35.47 -10.36 -35.82
CA ALA A 516 35.17 -11.43 -34.87
C ALA A 516 35.53 -12.75 -35.51
N THR A 517 35.92 -13.70 -34.67
CA THR A 517 36.09 -15.06 -35.06
C THR A 517 34.81 -15.77 -34.59
N VAL A 518 34.04 -16.32 -35.51
CA VAL A 518 32.80 -17.00 -35.16
C VAL A 518 32.85 -18.40 -35.76
N LYS A 519 31.92 -19.26 -35.34
CA LYS A 519 31.72 -20.55 -36.00
C LYS A 519 30.34 -20.51 -36.60
N ILE A 520 30.23 -20.86 -37.87
CA ILE A 520 28.95 -20.93 -38.54
C ILE A 520 28.74 -22.39 -38.80
N ASN A 521 27.74 -22.99 -38.13
CA ASN A 521 27.56 -24.44 -38.07
C ASN A 521 28.85 -25.23 -37.93
N GLY A 522 29.66 -24.82 -36.96
CA GLY A 522 30.85 -25.52 -36.59
C GLY A 522 32.07 -25.06 -37.36
N VAL A 523 31.88 -24.24 -38.40
CA VAL A 523 32.99 -23.80 -39.31
C VAL A 523 33.58 -22.44 -38.90
N GLU A 524 34.85 -22.43 -38.55
CA GLU A 524 35.45 -21.18 -38.03
C GLU A 524 35.58 -20.19 -39.17
N THR A 525 35.13 -18.96 -38.95
CA THR A 525 35.19 -17.94 -40.00
C THR A 525 35.38 -16.56 -39.40
N GLU A 526 36.02 -15.66 -40.17
CA GLU A 526 36.23 -14.29 -39.73
C GLU A 526 35.13 -13.45 -40.35
N ILE A 527 34.53 -12.58 -39.54
CA ILE A 527 33.55 -11.59 -40.01
C ILE A 527 34.03 -10.21 -39.57
N SER A 528 33.71 -9.18 -40.33
CA SER A 528 34.12 -7.83 -39.97
C SER A 528 33.14 -6.79 -40.52
N GLY A 529 32.95 -5.68 -39.81
CA GLY A 529 31.96 -4.68 -40.20
C GLY A 529 32.21 -3.39 -39.47
N SER A 530 31.56 -2.32 -39.93
CA SER A 530 31.68 -0.99 -39.31
C SER A 530 30.28 -0.39 -39.12
N GLY A 531 30.14 0.50 -38.14
CA GLY A 531 28.90 1.22 -37.96
C GLY A 531 29.06 2.31 -36.93
N ASN A 532 27.95 2.84 -36.43
CA ASN A 532 28.06 3.96 -35.55
C ASN A 532 28.28 3.57 -34.11
N GLY A 533 28.35 2.26 -33.88
CA GLY A 533 28.63 1.70 -32.56
C GLY A 533 28.97 0.21 -32.69
N PRO A 534 29.28 -0.44 -31.56
CA PRO A 534 29.72 -1.82 -31.63
C PRO A 534 28.60 -2.75 -32.06
N LEU A 535 27.35 -2.44 -31.71
CA LEU A 535 26.28 -3.32 -32.11
C LEU A 535 26.04 -3.19 -33.63
N ALA A 536 26.02 -1.97 -34.13
CA ALA A 536 25.89 -1.74 -35.58
C ALA A 536 27.04 -2.42 -36.33
N ALA A 537 28.25 -2.23 -35.84
CA ALA A 537 29.42 -2.90 -36.50
C ALA A 537 29.24 -4.44 -36.58
N PHE A 538 28.82 -5.07 -35.47
CA PHE A 538 28.66 -6.51 -35.41
C PHE A 538 27.54 -6.99 -36.33
N VAL A 539 26.44 -6.23 -36.42
CA VAL A 539 25.37 -6.71 -37.33
C VAL A 539 25.79 -6.53 -38.78
N HIS A 540 26.54 -5.46 -39.09
CA HIS A 540 27.06 -5.33 -40.46
C HIS A 540 27.98 -6.52 -40.79
N ALA A 541 28.79 -6.92 -39.81
CA ALA A 541 29.68 -8.07 -40.00
C ALA A 541 28.92 -9.38 -40.31
N LEU A 542 27.79 -9.61 -39.62
CA LEU A 542 26.98 -10.83 -39.78
C LEU A 542 26.29 -10.88 -41.14
N ALA A 543 25.92 -9.71 -41.66
CA ALA A 543 25.19 -9.64 -42.94
C ALA A 543 26.01 -10.25 -44.07
N ASP A 544 27.33 -10.13 -44.00
CA ASP A 544 28.20 -10.73 -45.00
C ASP A 544 28.12 -12.24 -45.05
N VAL A 545 27.74 -12.88 -43.96
CA VAL A 545 27.72 -14.33 -43.93
C VAL A 545 26.30 -14.88 -43.86
N GLY A 546 25.33 -14.06 -44.24
CA GLY A 546 23.97 -14.56 -44.50
C GLY A 546 23.04 -14.45 -43.30
N PHE A 547 23.48 -13.74 -42.26
CA PHE A 547 22.66 -13.54 -41.07
C PHE A 547 22.28 -12.08 -41.07
N ASP A 548 21.04 -11.80 -41.49
CA ASP A 548 20.55 -10.44 -41.58
C ASP A 548 19.71 -10.09 -40.34
N VAL A 549 20.25 -9.23 -39.52
CA VAL A 549 19.63 -8.92 -38.23
C VAL A 549 19.11 -7.50 -38.29
N ALA A 550 17.80 -7.34 -38.46
CA ALA A 550 17.23 -6.00 -38.45
C ALA A 550 16.77 -5.72 -37.02
N VAL A 551 17.48 -4.84 -36.31
CA VAL A 551 17.24 -4.65 -34.89
C VAL A 551 15.95 -3.82 -34.73
N LEU A 552 15.08 -4.29 -33.83
CA LEU A 552 13.80 -3.65 -33.56
C LEU A 552 13.80 -2.89 -32.23
N ASP A 553 14.60 -3.37 -31.28
CA ASP A 553 14.65 -2.76 -29.96
C ASP A 553 15.83 -3.34 -29.19
N TYR A 554 16.22 -2.67 -28.12
CA TYR A 554 17.41 -3.04 -27.34
C TYR A 554 17.31 -2.49 -25.93
N TYR A 555 17.63 -3.31 -24.91
CA TYR A 555 17.63 -2.88 -23.50
C TYR A 555 18.83 -3.49 -22.80
N GLU A 556 19.38 -2.83 -21.79
CA GLU A 556 20.47 -3.40 -21.00
C GLU A 556 20.31 -2.91 -19.56
N HIS A 557 20.68 -3.73 -18.58
CA HIS A 557 20.68 -3.26 -17.21
C HIS A 557 21.72 -4.02 -16.40
N ALA A 558 22.14 -3.42 -15.28
CA ALA A 558 23.09 -4.06 -14.38
C ALA A 558 22.38 -5.21 -13.63
N MET A 559 23.08 -6.29 -13.35
CA MET A 559 22.46 -7.39 -12.59
C MET A 559 22.65 -7.30 -11.07
N SER A 560 23.45 -6.34 -10.65
CA SER A 560 23.58 -6.01 -9.24
C SER A 560 24.23 -4.65 -9.14
N ALA A 561 24.43 -4.17 -7.92
CA ALA A 561 25.17 -2.94 -7.68
C ALA A 561 26.65 -3.12 -8.01
N GLY A 562 27.37 -2.01 -8.14
CA GLY A 562 28.83 -2.02 -8.36
C GLY A 562 29.20 -1.77 -9.82
N ASP A 563 30.32 -1.09 -10.03
CA ASP A 563 30.80 -0.80 -11.39
C ASP A 563 31.30 -2.06 -12.10
N ASP A 564 31.61 -3.11 -11.33
CA ASP A 564 32.07 -4.41 -11.87
C ASP A 564 30.91 -5.40 -12.05
N ALA A 565 29.67 -4.93 -11.88
CA ALA A 565 28.51 -5.78 -12.04
C ALA A 565 28.42 -6.36 -13.44
N GLN A 566 27.72 -7.48 -13.56
CA GLN A 566 27.42 -8.03 -14.89
CA GLN A 566 27.43 -8.04 -14.89
C GLN A 566 26.31 -7.20 -15.51
N ALA A 567 26.34 -7.08 -16.83
CA ALA A 567 25.26 -6.50 -17.58
C ALA A 567 24.42 -7.62 -18.25
N ALA A 568 23.10 -7.44 -18.22
CA ALA A 568 22.20 -8.23 -19.06
C ALA A 568 21.70 -7.37 -20.22
N ALA A 569 21.86 -7.85 -21.45
CA ALA A 569 21.37 -7.15 -22.65
C ALA A 569 20.32 -7.97 -23.38
N TYR A 570 19.37 -7.27 -24.01
CA TYR A 570 18.24 -7.91 -24.66
C TYR A 570 18.13 -7.21 -26.00
N VAL A 571 18.08 -7.99 -27.07
CA VAL A 571 17.95 -7.42 -28.40
C VAL A 571 16.76 -8.06 -29.09
N GLU A 572 15.84 -7.23 -29.57
CA GLU A 572 14.76 -7.70 -30.41
C GLU A 572 15.11 -7.48 -31.88
N ALA A 573 14.90 -8.49 -32.71
CA ALA A 573 15.20 -8.34 -34.13
C ALA A 573 14.31 -9.13 -35.07
N SER A 574 14.23 -8.65 -36.31
CA SER A 574 13.65 -9.43 -37.37
C SER A 574 14.83 -10.08 -38.08
N VAL A 575 14.94 -11.38 -37.92
CA VAL A 575 16.13 -12.10 -38.44
C VAL A 575 15.83 -12.89 -39.70
N THR A 576 16.67 -12.71 -40.72
CA THR A 576 16.55 -13.48 -41.95
C THR A 576 17.87 -14.24 -42.16
N ILE A 577 17.79 -15.56 -42.18
CA ILE A 577 18.97 -16.41 -42.39
C ILE A 577 18.98 -16.95 -43.82
N ALA A 578 20.02 -16.59 -44.59
CA ALA A 578 20.16 -17.04 -45.99
C ALA A 578 20.37 -18.55 -46.16
N THR A 614 13.26 -16.23 -42.65
CA THR A 614 12.84 -15.00 -43.32
C THR A 614 12.05 -14.11 -42.35
N SER A 615 12.57 -12.93 -42.06
CA SER A 615 12.02 -11.98 -41.07
C SER A 615 11.38 -12.57 -39.78
N LYS A 616 12.01 -13.58 -39.17
CA LYS A 616 11.52 -14.17 -37.92
C LYS A 616 11.76 -13.18 -36.79
N THR A 617 10.70 -12.86 -36.04
CA THR A 617 10.80 -11.88 -34.98
C THR A 617 11.23 -12.58 -33.72
N VAL A 618 12.36 -12.17 -33.16
CA VAL A 618 12.97 -12.91 -32.05
C VAL A 618 13.59 -11.99 -31.01
N TRP A 619 13.71 -12.47 -29.78
CA TRP A 619 14.58 -11.81 -28.78
C TRP A 619 15.89 -12.58 -28.60
N GLY A 620 16.97 -11.86 -28.33
CA GLY A 620 18.20 -12.54 -27.86
C GLY A 620 18.56 -11.91 -26.52
N VAL A 621 19.24 -12.69 -25.70
CA VAL A 621 19.68 -12.27 -24.37
C VAL A 621 21.18 -12.56 -24.23
N GLY A 622 21.90 -11.59 -23.71
CA GLY A 622 23.34 -11.70 -23.46
C GLY A 622 23.68 -11.22 -22.05
N ILE A 623 24.59 -11.95 -21.39
CA ILE A 623 25.08 -11.61 -20.04
C ILE A 623 26.60 -11.62 -20.11
N ALA A 624 27.23 -10.54 -19.64
CA ALA A 624 28.72 -10.36 -19.59
C ALA A 624 29.15 -9.30 -18.57
N PRO A 625 30.41 -9.33 -18.13
CA PRO A 625 30.83 -8.24 -17.26
C PRO A 625 31.07 -6.94 -18.01
N SER A 626 31.16 -7.01 -19.34
CA SER A 626 31.29 -5.80 -20.17
C SER A 626 29.95 -5.42 -20.80
N ILE A 627 29.53 -4.18 -20.61
CA ILE A 627 28.34 -3.64 -21.27
C ILE A 627 28.37 -3.87 -22.78
N THR A 628 29.54 -3.71 -23.38
CA THR A 628 29.69 -3.95 -24.80
C THR A 628 29.50 -5.39 -25.20
N THR A 629 30.22 -6.28 -24.54
CA THR A 629 30.19 -7.66 -24.92
C THR A 629 28.82 -8.28 -24.64
N ALA A 630 28.14 -7.81 -23.59
CA ALA A 630 26.82 -8.38 -23.30
C ALA A 630 25.89 -8.12 -24.50
N SER A 631 26.01 -6.94 -25.11
CA SER A 631 25.16 -6.62 -26.27
C SER A 631 25.45 -7.51 -27.49
N LEU A 632 26.72 -7.85 -27.69
CA LEU A 632 27.12 -8.73 -28.77
C LEU A 632 26.57 -10.11 -28.54
N ARG A 633 26.62 -10.59 -27.29
CA ARG A 633 26.04 -11.87 -26.96
C ARG A 633 24.54 -11.91 -27.24
N ALA A 634 23.87 -10.80 -26.96
CA ALA A 634 22.44 -10.72 -27.19
C ALA A 634 22.13 -10.85 -28.71
N VAL A 635 22.91 -10.20 -29.58
CA VAL A 635 22.75 -10.40 -31.05
C VAL A 635 22.92 -11.89 -31.46
N VAL A 636 23.99 -12.53 -30.97
CA VAL A 636 24.18 -13.96 -31.26
C VAL A 636 23.00 -14.82 -30.78
N SER A 637 22.49 -14.52 -29.57
CA SER A 637 21.37 -15.25 -28.99
C SER A 637 20.10 -15.12 -29.87
N ALA A 638 19.85 -13.91 -30.38
CA ALA A 638 18.73 -13.65 -31.31
C ALA A 638 18.87 -14.49 -32.61
N VAL A 639 20.05 -14.45 -33.23
CA VAL A 639 20.24 -15.26 -34.42
C VAL A 639 19.95 -16.74 -34.16
N ASN A 640 20.49 -17.26 -33.05
CA ASN A 640 20.28 -18.67 -32.73
C ASN A 640 18.82 -18.98 -32.41
N ARG A 641 18.15 -18.02 -31.78
CA ARG A 641 16.69 -18.13 -31.59
C ARG A 641 15.92 -18.16 -32.88
N ALA A 642 16.39 -17.42 -33.88
CA ALA A 642 15.71 -17.41 -35.15
C ALA A 642 15.79 -18.76 -35.93
N ALA A 643 16.72 -19.65 -35.55
CA ALA A 643 16.97 -20.90 -36.32
C ALA A 643 16.41 -22.21 -35.72
N THR B 18 -30.75 3.03 -11.04
CA THR B 18 -30.02 4.32 -11.06
C THR B 18 -30.04 4.89 -9.63
N ILE B 19 -29.27 5.93 -9.39
CA ILE B 19 -29.22 6.51 -8.05
C ILE B 19 -30.38 7.48 -7.90
N VAL B 20 -31.24 7.26 -6.89
CA VAL B 20 -32.35 8.20 -6.57
C VAL B 20 -32.04 9.06 -5.32
N LYS B 21 -32.01 10.38 -5.50
CA LYS B 21 -31.74 11.28 -4.40
C LYS B 21 -32.68 11.00 -3.22
N PRO B 22 -32.14 10.84 -2.02
CA PRO B 22 -33.07 10.61 -0.91
C PRO B 22 -34.03 11.79 -0.72
N ALA B 23 -35.30 11.49 -0.50
CA ALA B 23 -36.31 12.53 -0.49
C ALA B 23 -37.32 12.37 0.66
N GLY B 24 -37.06 11.41 1.55
CA GLY B 24 -37.97 11.23 2.70
C GLY B 24 -37.80 12.35 3.73
N PRO B 25 -38.73 12.45 4.68
CA PRO B 25 -38.62 13.50 5.69
C PRO B 25 -37.31 13.40 6.55
N PRO B 26 -36.86 14.53 7.10
CA PRO B 26 -35.74 14.45 8.06
C PRO B 26 -36.23 13.73 9.32
N ARG B 27 -35.28 13.30 10.15
CA ARG B 27 -35.57 12.65 11.43
CA ARG B 27 -35.60 12.65 11.43
C ARG B 27 -36.29 13.66 12.34
N VAL B 28 -37.15 13.17 13.23
CA VAL B 28 -37.72 14.07 14.22
C VAL B 28 -36.58 14.48 15.14
N GLY B 29 -36.38 15.80 15.29
CA GLY B 29 -35.30 16.33 16.13
C GLY B 29 -34.02 16.59 15.34
N GLN B 30 -34.04 16.31 14.03
CA GLN B 30 -32.84 16.58 13.24
C GLN B 30 -32.58 18.09 13.21
N PRO B 31 -31.32 18.52 13.42
CA PRO B 31 -31.10 19.97 13.50
C PRO B 31 -31.35 20.64 12.16
N SER B 32 -31.73 21.92 12.18
CA SER B 32 -32.05 22.67 10.96
C SER B 32 -30.80 22.90 10.10
N TRP B 33 -29.61 22.81 10.71
CA TRP B 33 -28.36 22.95 9.94
C TRP B 33 -27.97 21.68 9.19
N ASN B 34 -28.75 20.61 9.38
CA ASN B 34 -28.57 19.34 8.66
C ASN B 34 -29.77 19.10 7.70
N PRO B 35 -29.61 19.42 6.40
CA PRO B 35 -30.71 19.26 5.46
C PRO B 35 -30.81 17.88 4.77
N GLN B 36 -30.14 16.87 5.33
CA GLN B 36 -30.23 15.53 4.79
C GLN B 36 -31.65 14.97 4.88
N ARG B 37 -31.96 14.08 3.95
CA ARG B 37 -33.28 13.50 3.87
C ARG B 37 -33.22 11.97 3.98
N ALA B 38 -34.29 11.37 4.48
CA ALA B 38 -34.34 9.90 4.61
C ALA B 38 -34.22 9.23 3.24
N SER B 39 -33.35 8.21 3.16
CA SER B 39 -33.19 7.41 1.94
C SER B 39 -34.31 6.38 1.83
N SER B 40 -34.41 5.70 0.70
CA SER B 40 -35.36 4.57 0.61
C SER B 40 -34.65 3.22 0.72
N MET B 41 -33.44 3.22 1.27
CA MET B 41 -32.73 1.96 1.58
C MET B 41 -33.49 1.15 2.63
N PRO B 42 -33.58 -0.19 2.44
CA PRO B 42 -34.39 -1.03 3.35
C PRO B 42 -33.71 -1.33 4.69
N VAL B 43 -33.58 -0.28 5.48
CA VAL B 43 -32.97 -0.37 6.81
CA VAL B 43 -32.99 -0.31 6.80
C VAL B 43 -33.72 -1.30 7.73
N ASN B 44 -35.03 -1.45 7.53
CA ASN B 44 -35.85 -2.37 8.32
C ASN B 44 -35.34 -3.84 8.27
N ARG B 45 -34.50 -4.19 7.28
CA ARG B 45 -34.04 -5.59 7.17
C ARG B 45 -32.80 -5.91 8.02
N TYR B 46 -32.27 -4.89 8.70
CA TYR B 46 -31.04 -4.95 9.48
C TYR B 46 -31.33 -4.43 10.88
N ARG B 47 -30.66 -5.00 11.88
CA ARG B 47 -30.88 -4.63 13.28
C ARG B 47 -29.57 -4.21 13.93
N PRO B 48 -29.65 -3.44 15.04
CA PRO B 48 -28.42 -3.18 15.79
C PRO B 48 -27.80 -4.46 16.30
N PHE B 49 -26.50 -4.44 16.47
CA PHE B 49 -25.77 -5.62 16.93
C PHE B 49 -26.33 -6.20 18.23
N ALA B 50 -26.71 -5.35 19.18
CA ALA B 50 -27.21 -5.80 20.50
C ALA B 50 -28.49 -6.65 20.36
N GLU B 51 -29.27 -6.38 19.31
CA GLU B 51 -30.51 -7.13 19.03
C GLU B 51 -30.24 -8.31 18.12
N GLU B 52 -29.28 -8.18 17.23
CA GLU B 52 -28.93 -9.27 16.34
C GLU B 52 -28.23 -10.43 17.12
N VAL B 53 -27.34 -10.07 18.05
CA VAL B 53 -26.57 -11.05 18.80
C VAL B 53 -26.90 -10.88 20.28
N GLU B 54 -26.32 -9.90 20.95
CA GLU B 54 -26.60 -9.70 22.38
C GLU B 54 -25.98 -8.38 22.79
N PRO B 55 -26.52 -7.75 23.86
CA PRO B 55 -25.84 -6.57 24.43
C PRO B 55 -24.54 -7.03 25.10
N ILE B 56 -23.43 -6.35 24.83
CA ILE B 56 -22.17 -6.69 25.47
C ILE B 56 -21.83 -5.54 26.43
N LEU B 58 -19.72 -3.81 29.11
CA LEU B 58 -18.52 -3.94 29.98
C LEU B 58 -18.06 -2.55 30.56
N ARG B 59 -18.87 -2.02 31.47
CA ARG B 59 -18.64 -0.67 31.98
C ARG B 59 -17.27 -0.53 32.65
N ASN B 60 -16.77 -1.61 33.29
CA ASN B 60 -15.45 -1.57 33.91
C ASN B 60 -14.31 -2.06 33.00
N ARG B 61 -14.49 -1.90 31.69
CA ARG B 61 -13.42 -2.17 30.72
C ARG B 61 -12.12 -1.44 31.06
N THR B 62 -11.00 -2.04 30.73
CA THR B 62 -9.70 -1.40 30.94
C THR B 62 -8.98 -1.11 29.64
N TRP B 63 -9.38 -1.77 28.55
CA TRP B 63 -8.63 -1.63 27.29
C TRP B 63 -8.50 -0.16 26.79
N PRO B 64 -9.47 0.72 27.09
CA PRO B 64 -9.32 2.10 26.59
C PRO B 64 -8.15 2.81 27.24
N ASP B 65 -7.67 2.28 28.38
CA ASP B 65 -6.60 2.94 29.11
C ASP B 65 -5.24 2.26 28.91
N ARG B 66 -5.18 1.23 28.06
CA ARG B 66 -3.93 0.51 27.82
C ARG B 66 -3.31 0.92 26.47
N VAL B 67 -2.03 1.30 26.47
CA VAL B 67 -1.31 1.49 25.20
C VAL B 67 -0.43 0.27 24.94
N ILE B 68 -0.56 -0.30 23.75
CA ILE B 68 0.27 -1.46 23.40
C ILE B 68 1.76 -1.16 23.56
N ASP B 69 2.48 -2.00 24.30
CA ASP B 69 3.94 -1.76 24.43
C ASP B 69 4.81 -2.93 24.07
N ARG B 70 4.23 -3.98 23.52
CA ARG B 70 5.02 -5.13 23.05
C ARG B 70 4.34 -5.70 21.82
N ALA B 71 5.10 -6.37 20.93
CA ALA B 71 4.49 -7.15 19.85
C ALA B 71 3.60 -8.31 20.37
N PRO B 72 2.46 -8.59 19.68
CA PRO B 72 1.77 -9.84 19.99
C PRO B 72 2.56 -11.01 19.41
N LEU B 73 2.11 -12.23 19.74
CA LEU B 73 2.53 -13.41 18.98
C LEU B 73 1.72 -13.40 17.68
N TRP B 74 2.40 -13.38 16.54
CA TRP B 74 1.75 -13.32 15.27
C TRP B 74 1.54 -14.72 14.72
N CYS B 75 0.44 -14.91 14.01
CA CYS B 75 0.25 -16.10 13.20
C CYS B 75 -0.23 -15.69 11.82
N ALA B 76 0.53 -16.12 10.80
CA ALA B 76 0.23 -15.76 9.43
C ALA B 76 -0.64 -16.85 8.78
N VAL B 77 -1.80 -16.45 8.25
CA VAL B 77 -2.77 -17.41 7.68
C VAL B 77 -2.90 -17.27 6.14
N ASP B 78 -1.91 -16.63 5.51
CA ASP B 78 -1.92 -16.39 4.05
C ASP B 78 -2.06 -17.64 3.23
N LEU B 79 -1.45 -18.73 3.71
CA LEU B 79 -1.48 -20.00 2.95
C LEU B 79 -2.76 -20.77 3.12
N ARG B 80 -3.66 -20.28 3.98
CA ARG B 80 -4.93 -20.97 4.17
C ARG B 80 -6.12 -20.02 3.92
N ASP B 81 -6.39 -19.10 4.87
CA ASP B 81 -7.51 -18.14 4.70
C ASP B 81 -7.24 -17.31 3.45
N GLY B 82 -6.01 -16.81 3.30
CA GLY B 82 -5.62 -16.07 2.11
C GLY B 82 -5.80 -16.89 0.84
N ASN B 83 -5.17 -18.07 0.82
CA ASN B 83 -5.21 -18.95 -0.37
C ASN B 83 -6.61 -19.32 -0.85
N GLN B 84 -7.47 -19.73 0.09
CA GLN B 84 -8.82 -20.18 -0.30
C GLN B 84 -9.70 -19.00 -0.78
N ALA B 85 -9.25 -17.76 -0.56
CA ALA B 85 -10.00 -16.57 -0.98
C ALA B 85 -9.62 -16.07 -2.37
N LEU B 86 -8.63 -16.71 -2.99
CA LEU B 86 -8.11 -16.26 -4.30
C LEU B 86 -8.95 -16.70 -5.50
N ILE B 87 -9.00 -15.86 -6.52
CA ILE B 87 -9.57 -16.26 -7.80
C ILE B 87 -8.74 -17.44 -8.35
N ASP B 88 -7.41 -17.32 -8.28
CA ASP B 88 -6.53 -18.41 -8.70
C ASP B 88 -5.72 -18.87 -7.48
N PRO B 89 -6.11 -20.01 -6.88
CA PRO B 89 -5.38 -20.49 -5.70
C PRO B 89 -3.92 -20.79 -6.03
N MET B 90 -3.08 -20.84 -5.02
CA MET B 90 -1.65 -20.86 -5.25
C MET B 90 -1.22 -22.20 -5.76
N SER B 91 -0.36 -22.14 -6.77
CA SER B 91 0.37 -23.29 -7.31
C SER B 91 1.38 -23.75 -6.26
N PRO B 92 2.00 -24.93 -6.47
CA PRO B 92 2.98 -25.37 -5.48
C PRO B 92 4.12 -24.37 -5.34
N ALA B 93 4.55 -23.80 -6.45
CA ALA B 93 5.64 -22.81 -6.42
C ALA B 93 5.25 -21.59 -5.61
N ARG B 94 4.02 -21.11 -5.80
CA ARG B 94 3.57 -19.93 -5.09
C ARG B 94 3.43 -20.19 -3.59
N LYS B 95 2.91 -21.34 -3.20
CA LYS B 95 2.82 -21.68 -1.78
C LYS B 95 4.18 -21.66 -1.14
N ARG B 96 5.14 -22.27 -1.82
CA ARG B 96 6.46 -22.34 -1.23
C ARG B 96 7.12 -20.96 -1.12
N ARG B 97 6.91 -20.11 -2.12
CA ARG B 97 7.50 -18.78 -2.11
C ARG B 97 6.90 -17.95 -0.95
N MET B 98 5.59 -18.06 -0.75
CA MET B 98 4.93 -17.40 0.37
C MET B 98 5.43 -17.94 1.72
N PHE B 99 5.52 -19.26 1.83
CA PHE B 99 6.00 -19.86 3.07
C PHE B 99 7.42 -19.33 3.39
N ASP B 100 8.28 -19.31 2.39
CA ASP B 100 9.67 -18.88 2.57
C ASP B 100 9.73 -17.39 2.96
N LEU B 101 8.85 -16.59 2.39
CA LEU B 101 8.76 -15.16 2.75
C LEU B 101 8.38 -14.97 4.23
N LEU B 102 7.33 -15.67 4.66
CA LEU B 102 6.86 -15.57 6.04
C LEU B 102 7.92 -16.02 7.02
N VAL B 103 8.65 -17.09 6.67
CA VAL B 103 9.75 -17.52 7.56
C VAL B 103 10.84 -16.42 7.66
N ARG B 104 11.21 -15.86 6.51
CA ARG B 104 12.30 -14.89 6.42
C ARG B 104 11.93 -13.58 7.12
N MET B 105 10.63 -13.25 7.14
CA MET B 105 10.17 -12.03 7.77
C MET B 105 10.23 -12.16 9.29
N GLY B 106 10.18 -13.40 9.78
CA GLY B 106 10.31 -13.70 11.21
C GLY B 106 9.05 -14.27 11.87
N TYR B 107 8.04 -14.65 11.10
CA TYR B 107 6.87 -15.35 11.68
C TYR B 107 7.24 -16.76 12.20
N LYS B 108 6.71 -17.11 13.36
CA LYS B 108 7.03 -18.34 14.03
C LYS B 108 5.83 -19.29 14.07
N GLU B 109 4.63 -18.80 13.71
CA GLU B 109 3.42 -19.67 13.60
C GLU B 109 2.80 -19.34 12.26
N ILE B 110 2.61 -20.37 11.45
CA ILE B 110 2.23 -20.18 10.04
C ILE B 110 1.22 -21.25 9.69
N GLU B 111 0.02 -20.84 9.28
CA GLU B 111 -1.02 -21.82 8.96
C GLU B 111 -0.87 -22.19 7.52
N VAL B 112 -0.43 -23.43 7.27
CA VAL B 112 0.07 -23.86 5.97
C VAL B 112 -1.01 -24.39 5.04
N GLY B 113 -2.23 -24.54 5.54
CA GLY B 113 -3.36 -25.01 4.73
C GLY B 113 -4.41 -25.81 5.50
N PHE B 114 -5.29 -26.46 4.74
CA PHE B 114 -6.42 -27.26 5.22
C PHE B 114 -6.23 -28.71 4.62
N PRO B 115 -5.18 -29.45 5.06
CA PRO B 115 -4.74 -30.64 4.30
C PRO B 115 -5.74 -31.80 4.22
N SER B 116 -6.61 -31.93 5.23
CA SER B 116 -7.68 -32.94 5.17
C SER B 116 -8.77 -32.56 4.17
N ALA B 117 -8.90 -31.29 3.80
CA ALA B 117 -9.95 -30.91 2.85
C ALA B 117 -9.44 -30.72 1.43
N SER B 118 -8.11 -30.74 1.28
CA SER B 118 -7.52 -30.28 0.04
C SER B 118 -6.29 -31.13 -0.25
N GLN B 119 -6.32 -31.86 -1.35
CA GLN B 119 -5.17 -32.69 -1.71
C GLN B 119 -3.93 -31.86 -2.02
N THR B 120 -4.10 -30.67 -2.60
CA THR B 120 -2.91 -29.85 -2.89
C THR B 120 -2.27 -29.33 -1.60
N ASP B 121 -3.11 -28.99 -0.62
CA ASP B 121 -2.64 -28.65 0.73
C ASP B 121 -1.93 -29.83 1.41
N PHE B 122 -2.52 -31.02 1.32
CA PHE B 122 -1.86 -32.23 1.86
C PHE B 122 -0.44 -32.38 1.27
N ASP B 123 -0.36 -32.28 -0.05
CA ASP B 123 0.92 -32.42 -0.80
C ASP B 123 1.95 -31.37 -0.32
N PHE B 124 1.47 -30.15 -0.14
CA PHE B 124 2.32 -29.04 0.34
C PHE B 124 2.87 -29.28 1.75
N VAL B 125 2.02 -29.72 2.69
CA VAL B 125 2.47 -30.01 4.04
C VAL B 125 3.52 -31.11 3.99
N ARG B 126 3.30 -32.16 3.20
CA ARG B 126 4.31 -33.24 3.03
C ARG B 126 5.64 -32.70 2.53
N GLU B 127 5.58 -31.85 1.51
CA GLU B 127 6.78 -31.29 0.90
C GLU B 127 7.62 -30.51 1.92
N ILE B 128 7.01 -29.54 2.60
CA ILE B 128 7.78 -28.73 3.53
C ILE B 128 8.33 -29.57 4.67
N ILE B 129 7.60 -30.58 5.10
CA ILE B 129 8.14 -31.48 6.14
C ILE B 129 9.30 -32.31 5.57
N GLU B 130 9.05 -33.00 4.48
CA GLU B 130 10.07 -33.92 3.93
C GLU B 130 11.30 -33.21 3.38
N GLN B 131 11.17 -31.95 2.98
CA GLN B 131 12.32 -31.21 2.43
C GLN B 131 13.08 -30.35 3.45
N GLY B 132 12.69 -30.44 4.72
CA GLY B 132 13.34 -29.68 5.79
C GLY B 132 13.23 -28.18 5.63
N ALA B 133 12.08 -27.70 5.12
CA ALA B 133 11.89 -26.29 4.90
C ALA B 133 11.50 -25.55 6.18
N ILE B 134 11.22 -26.31 7.24
CA ILE B 134 10.71 -25.69 8.47
C ILE B 134 11.83 -25.51 9.49
N PRO B 135 12.19 -24.27 9.81
CA PRO B 135 13.16 -24.02 10.91
C PRO B 135 12.69 -24.52 12.30
N ASP B 136 13.65 -24.82 13.19
CA ASP B 136 13.26 -25.36 14.51
C ASP B 136 12.49 -24.39 15.41
N ASP B 137 12.50 -23.09 15.08
CA ASP B 137 11.69 -22.14 15.89
C ASP B 137 10.35 -21.78 15.26
N VAL B 138 10.02 -22.47 14.17
CA VAL B 138 8.73 -22.27 13.48
C VAL B 138 7.78 -23.47 13.74
N THR B 139 6.54 -23.17 14.10
CA THR B 139 5.51 -24.18 14.23
C THR B 139 4.48 -24.02 13.13
N ILE B 140 4.35 -25.05 12.31
CA ILE B 140 3.28 -25.08 11.30
C ILE B 140 1.91 -25.32 11.95
N GLN B 141 0.88 -24.74 11.34
CA GLN B 141 -0.47 -24.90 11.86
C GLN B 141 -1.34 -25.39 10.71
N VAL B 142 -2.23 -26.33 11.00
CA VAL B 142 -3.07 -26.90 9.95
C VAL B 142 -4.52 -26.81 10.41
N LEU B 143 -5.42 -26.42 9.51
CA LEU B 143 -6.84 -26.28 9.87
C LEU B 143 -7.58 -27.56 9.57
N THR B 144 -8.51 -27.94 10.46
CA THR B 144 -9.40 -29.06 10.17
C THR B 144 -10.80 -28.83 10.77
N GLN B 145 -11.82 -29.31 10.09
CA GLN B 145 -13.14 -29.37 10.72
C GLN B 145 -13.13 -30.58 11.67
N CYS B 146 -14.20 -30.78 12.42
CA CYS B 146 -14.19 -31.78 13.47
C CYS B 146 -14.51 -33.22 13.09
N ARG B 147 -14.95 -33.52 11.87
CA ARG B 147 -15.32 -34.93 11.57
C ARG B 147 -14.07 -35.83 11.79
N PRO B 148 -14.23 -36.98 12.50
CA PRO B 148 -13.05 -37.72 12.97
C PRO B 148 -12.10 -38.17 11.87
N GLU B 149 -12.61 -38.56 10.70
CA GLU B 149 -11.79 -38.92 9.52
C GLU B 149 -10.93 -37.73 9.01
N LEU B 150 -11.46 -36.51 9.11
CA LEU B 150 -10.70 -35.32 8.71
C LEU B 150 -9.58 -35.04 9.70
N ILE B 151 -9.85 -35.28 10.99
CA ILE B 151 -8.84 -35.10 12.02
C ILE B 151 -7.75 -36.12 11.82
N GLU B 152 -8.13 -37.38 11.55
CA GLU B 152 -7.12 -38.41 11.26
C GLU B 152 -6.22 -38.02 10.09
N ARG B 153 -6.84 -37.54 9.00
CA ARG B 153 -6.06 -37.10 7.83
C ARG B 153 -5.15 -35.91 8.17
N THR B 154 -5.60 -35.08 9.11
CA THR B 154 -4.80 -33.94 9.51
C THR B 154 -3.52 -34.36 10.21
N PHE B 155 -3.64 -35.24 11.21
CA PHE B 155 -2.45 -35.79 11.85
C PHE B 155 -1.51 -36.50 10.86
N GLN B 156 -2.09 -37.26 9.94
CA GLN B 156 -1.29 -37.94 8.91
C GLN B 156 -0.47 -36.95 8.05
N ALA B 157 -1.09 -35.83 7.66
CA ALA B 157 -0.38 -34.81 6.88
C ALA B 157 0.84 -34.32 7.64
N CYS B 158 0.74 -34.27 8.96
CA CYS B 158 1.85 -33.68 9.71
C CYS B 158 2.87 -34.70 10.18
N SER B 159 2.66 -35.97 9.83
CA SER B 159 3.55 -37.03 10.30
C SER B 159 5.02 -36.67 10.04
N GLY B 160 5.85 -36.78 11.07
CA GLY B 160 7.28 -36.42 10.95
C GLY B 160 7.67 -34.97 11.24
N ALA B 161 6.69 -34.05 11.36
CA ALA B 161 6.98 -32.70 11.90
C ALA B 161 7.46 -32.79 13.36
N PRO B 162 8.47 -31.97 13.77
CA PRO B 162 8.85 -32.00 15.19
C PRO B 162 7.79 -31.42 16.11
N ARG B 163 7.00 -30.48 15.59
CA ARG B 163 5.93 -29.81 16.33
C ARG B 163 4.88 -29.33 15.30
N ALA B 164 3.61 -29.23 15.72
CA ALA B 164 2.55 -28.72 14.84
C ALA B 164 1.40 -28.23 15.71
N ILE B 165 0.70 -27.20 15.24
CA ILE B 165 -0.59 -26.81 15.82
C ILE B 165 -1.73 -27.38 14.98
N VAL B 166 -2.56 -28.21 15.61
CA VAL B 166 -3.80 -28.72 15.00
C VAL B 166 -4.93 -27.79 15.39
N HIS B 167 -5.42 -27.04 14.41
CA HIS B 167 -6.46 -26.06 14.62
C HIS B 167 -7.77 -26.66 14.15
N PHE B 168 -8.67 -26.93 15.08
CA PHE B 168 -10.00 -27.46 14.72
C PHE B 168 -11.06 -26.45 15.12
N TYR B 169 -12.18 -26.48 14.41
CA TYR B 169 -13.21 -25.46 14.59
C TYR B 169 -14.58 -26.00 14.28
N ASN B 170 -15.58 -25.30 14.80
CA ASN B 170 -16.94 -25.47 14.32
C ASN B 170 -17.72 -24.16 14.54
N SER B 171 -18.77 -23.96 13.74
CA SER B 171 -19.55 -22.73 13.85
CA SER B 171 -19.57 -22.75 13.82
C SER B 171 -20.49 -22.76 15.05
N THR B 172 -20.47 -21.67 15.82
CA THR B 172 -21.25 -21.60 17.06
C THR B 172 -22.27 -20.46 17.08
N SER B 173 -22.38 -19.71 15.97
CA SER B 173 -23.24 -18.49 16.01
C SER B 173 -24.72 -18.83 16.21
N ILE B 174 -25.45 -17.87 16.77
CA ILE B 174 -26.90 -18.05 16.99
C ILE B 174 -27.56 -18.47 15.68
N LEU B 175 -27.25 -17.71 14.62
CA LEU B 175 -27.83 -17.96 13.32
C LEU B 175 -27.48 -19.33 12.76
N GLN B 176 -26.20 -19.73 12.81
CA GLN B 176 -25.87 -21.07 12.31
C GLN B 176 -26.47 -22.23 13.12
N ARG B 177 -26.51 -22.09 14.45
CA ARG B 177 -27.11 -23.13 15.26
C ARG B 177 -28.56 -23.32 14.82
N ARG B 178 -29.22 -22.22 14.51
CA ARG B 178 -30.63 -22.27 14.09
C ARG B 178 -30.84 -22.81 12.67
N VAL B 179 -30.20 -22.21 11.68
CA VAL B 179 -30.57 -22.47 10.30
C VAL B 179 -29.63 -23.43 9.57
N VAL B 180 -28.39 -23.54 10.01
CA VAL B 180 -27.43 -24.40 9.34
C VAL B 180 -27.46 -25.78 10.01
N PHE B 181 -27.36 -25.81 11.34
CA PHE B 181 -27.36 -27.07 12.09
C PHE B 181 -28.74 -27.56 12.62
N ARG B 182 -29.69 -26.62 12.76
CA ARG B 182 -30.97 -26.90 13.44
C ARG B 182 -30.71 -27.73 14.70
N ALA B 183 -29.86 -27.17 15.57
CA ALA B 183 -29.28 -27.91 16.68
C ALA B 183 -29.35 -27.11 17.98
N ASN B 184 -29.40 -27.79 19.12
CA ASN B 184 -29.37 -27.12 20.42
C ASN B 184 -27.94 -26.85 20.88
N ARG B 185 -27.79 -26.16 22.01
CA ARG B 185 -26.45 -25.78 22.49
C ARG B 185 -25.55 -27.01 22.78
N ALA B 186 -26.15 -28.04 23.38
CA ALA B 186 -25.42 -29.27 23.71
C ALA B 186 -24.91 -29.90 22.46
N GLU B 187 -25.75 -29.95 21.42
CA GLU B 187 -25.37 -30.64 20.19
C GLU B 187 -24.18 -29.96 19.52
N VAL B 188 -24.21 -28.63 19.50
CA VAL B 188 -23.15 -27.87 18.83
C VAL B 188 -21.86 -27.92 19.65
N GLN B 189 -22.00 -27.94 20.98
CA GLN B 189 -20.84 -28.13 21.87
C GLN B 189 -20.16 -29.50 21.69
N ALA B 190 -20.97 -30.56 21.55
CA ALA B 190 -20.47 -31.92 21.32
C ALA B 190 -19.68 -32.01 20.02
N ILE B 191 -20.04 -31.25 19.01
CA ILE B 191 -19.20 -31.27 17.81
C ILE B 191 -17.75 -30.90 18.18
N ALA B 192 -17.60 -29.79 18.91
CA ALA B 192 -16.30 -29.28 19.40
C ALA B 192 -15.60 -30.24 20.34
N THR B 193 -16.30 -30.74 21.35
CA THR B 193 -15.65 -31.63 22.33
C THR B 193 -15.33 -33.01 21.74
N ASP B 194 -16.14 -33.51 20.81
CA ASP B 194 -15.80 -34.77 20.10
C ASP B 194 -14.52 -34.61 19.26
N GLY B 195 -14.42 -33.47 18.56
CA GLY B 195 -13.19 -33.08 17.87
C GLY B 195 -11.98 -33.08 18.81
N ALA B 196 -12.15 -32.47 19.98
CA ALA B 196 -11.08 -32.35 20.97
C ALA B 196 -10.67 -33.75 21.45
N ARG B 197 -11.66 -34.60 21.74
CA ARG B 197 -11.37 -36.00 22.12
C ARG B 197 -10.61 -36.74 21.04
N LYS B 198 -11.02 -36.54 19.78
CA LYS B 198 -10.35 -37.20 18.64
C LYS B 198 -8.88 -36.72 18.55
N CYS B 199 -8.66 -35.41 18.74
CA CYS B 199 -7.29 -34.85 18.75
C CYS B 199 -6.42 -35.49 19.81
N VAL B 200 -6.97 -35.65 21.01
CA VAL B 200 -6.22 -36.23 22.11
C VAL B 200 -5.82 -37.68 21.77
N GLU B 201 -6.76 -38.42 21.19
CA GLU B 201 -6.52 -39.80 20.76
C GLU B 201 -5.45 -39.87 19.67
N GLN B 202 -5.56 -39.00 18.67
CA GLN B 202 -4.56 -39.00 17.60
C GLN B 202 -3.19 -38.59 18.06
N ALA B 203 -3.12 -37.58 18.93
CA ALA B 203 -1.82 -37.15 19.43
C ALA B 203 -1.03 -38.29 20.10
N ALA B 204 -1.74 -39.13 20.85
CA ALA B 204 -1.13 -40.29 21.55
C ALA B 204 -0.56 -41.31 20.56
N LYS B 205 -1.18 -41.41 19.39
CA LYS B 205 -0.72 -42.28 18.32
C LYS B 205 0.52 -41.81 17.59
N TYR B 206 0.90 -40.54 17.74
CA TYR B 206 2.04 -39.98 17.02
C TYR B 206 3.03 -39.31 17.97
N PRO B 207 3.72 -40.12 18.80
CA PRO B 207 4.51 -39.57 19.91
C PRO B 207 5.80 -38.86 19.45
N GLY B 208 6.18 -38.98 18.19
CA GLY B 208 7.39 -38.30 17.70
C GLY B 208 7.20 -36.84 17.27
N THR B 209 6.01 -36.28 17.53
CA THR B 209 5.68 -34.88 17.20
C THR B 209 5.14 -34.25 18.48
N GLN B 210 5.59 -33.04 18.76
CA GLN B 210 5.05 -32.26 19.87
C GLN B 210 3.79 -31.60 19.35
N TRP B 211 2.63 -32.17 19.71
CA TRP B 211 1.33 -31.61 19.24
C TRP B 211 0.82 -30.48 20.11
N ARG B 212 0.29 -29.44 19.48
CA ARG B 212 -0.35 -28.34 20.19
C ARG B 212 -1.72 -28.11 19.54
N PHE B 213 -2.65 -27.51 20.30
CA PHE B 213 -4.01 -27.35 19.83
C PHE B 213 -4.53 -25.94 19.80
N GLU B 214 -5.33 -25.65 18.77
CA GLU B 214 -6.05 -24.39 18.68
C GLU B 214 -7.50 -24.73 18.39
N TYR B 215 -8.40 -24.13 19.17
CA TYR B 215 -9.84 -24.27 18.93
C TYR B 215 -10.45 -22.88 18.59
N SER B 216 -11.24 -22.78 17.51
CA SER B 216 -12.03 -21.58 17.22
C SER B 216 -13.55 -21.88 17.24
N PRO B 217 -14.30 -21.12 18.06
CA PRO B 217 -15.73 -21.08 17.86
C PRO B 217 -15.98 -20.17 16.66
N GLU B 218 -16.20 -20.78 15.52
CA GLU B 218 -16.23 -20.06 14.25
C GLU B 218 -17.51 -19.21 14.26
N SER B 219 -17.47 -18.00 13.66
CA SER B 219 -18.55 -16.99 13.80
C SER B 219 -18.79 -16.61 15.28
N TYR B 220 -17.70 -16.54 16.00
CA TYR B 220 -17.68 -16.01 17.35
C TYR B 220 -18.38 -14.67 17.53
N THR B 221 -18.25 -13.76 16.57
CA THR B 221 -18.89 -12.46 16.75
C THR B 221 -20.41 -12.54 16.55
N GLY B 222 -20.92 -13.67 16.09
CA GLY B 222 -22.37 -13.93 16.04
C GLY B 222 -22.86 -14.85 17.15
N THR B 223 -22.00 -15.07 18.16
CA THR B 223 -22.21 -16.05 19.23
C THR B 223 -22.34 -15.33 20.59
N GLU B 224 -23.27 -15.78 21.46
CA GLU B 224 -23.33 -15.26 22.85
C GLU B 224 -21.97 -15.48 23.53
N LEU B 225 -21.41 -14.48 24.20
CA LEU B 225 -20.15 -14.65 24.95
C LEU B 225 -20.23 -15.82 25.93
N GLU B 226 -21.32 -15.92 26.68
CA GLU B 226 -21.38 -16.99 27.69
C GLU B 226 -21.36 -18.38 27.04
N TYR B 227 -21.93 -18.51 25.84
CA TYR B 227 -21.84 -19.78 25.11
C TYR B 227 -20.45 -20.01 24.53
N ALA B 228 -19.82 -18.98 23.97
CA ALA B 228 -18.44 -19.13 23.47
C ALA B 228 -17.58 -19.63 24.60
N LYS B 229 -17.76 -19.02 25.78
CA LYS B 229 -16.97 -19.41 26.96
C LYS B 229 -17.26 -20.87 27.34
N GLN B 230 -18.53 -21.24 27.38
CA GLN B 230 -18.90 -22.61 27.74
C GLN B 230 -18.26 -23.66 26.80
N VAL B 231 -18.30 -23.42 25.49
CA VAL B 231 -17.73 -24.36 24.52
C VAL B 231 -16.20 -24.42 24.64
N CYS B 232 -15.53 -23.27 24.69
CA CYS B 232 -14.05 -23.24 24.86
C CYS B 232 -13.68 -23.96 26.17
N ASP B 233 -14.35 -23.61 27.26
CA ASP B 233 -14.05 -24.26 28.54
C ASP B 233 -14.16 -25.76 28.43
N ALA B 234 -15.22 -26.23 27.77
CA ALA B 234 -15.44 -27.67 27.61
C ALA B 234 -14.35 -28.34 26.74
N VAL B 235 -13.94 -27.64 25.68
CA VAL B 235 -12.82 -28.12 24.85
C VAL B 235 -11.53 -28.21 25.67
N GLY B 236 -11.26 -27.18 26.47
CA GLY B 236 -10.06 -27.14 27.31
C GLY B 236 -10.04 -28.31 28.29
N GLU B 237 -11.20 -28.66 28.82
CA GLU B 237 -11.27 -29.79 29.78
C GLU B 237 -10.82 -31.10 29.15
N VAL B 238 -11.12 -31.28 27.86
CA VAL B 238 -10.73 -32.46 27.15
C VAL B 238 -9.22 -32.39 26.87
N ILE B 239 -8.76 -31.27 26.31
CA ILE B 239 -7.34 -31.09 25.94
C ILE B 239 -6.40 -31.09 27.17
N ALA B 240 -6.91 -30.56 28.28
CA ALA B 240 -6.19 -30.44 29.57
C ALA B 240 -4.86 -29.67 29.45
N PRO B 241 -4.93 -28.41 28.95
CA PRO B 241 -3.71 -27.62 28.81
C PRO B 241 -3.15 -27.15 30.15
N THR B 242 -1.91 -26.68 30.14
CA THR B 242 -1.23 -26.22 31.35
C THR B 242 -0.43 -24.97 30.95
N PRO B 243 0.14 -24.26 31.91
CA PRO B 243 0.94 -23.08 31.51
C PRO B 243 2.14 -23.42 30.60
N GLU B 244 2.67 -24.64 30.73
CA GLU B 244 3.82 -25.12 29.94
C GLU B 244 3.36 -25.62 28.57
N ARG B 245 2.13 -26.16 28.50
CA ARG B 245 1.56 -26.62 27.23
C ARG B 245 0.17 -26.00 27.00
N PRO B 246 0.12 -24.67 26.71
CA PRO B 246 -1.18 -24.02 26.68
C PRO B 246 -1.99 -24.41 25.43
N ILE B 247 -3.29 -24.19 25.48
CA ILE B 247 -4.18 -24.25 24.32
C ILE B 247 -4.36 -22.84 23.74
N ILE B 248 -4.59 -22.76 22.42
CA ILE B 248 -4.94 -21.48 21.79
C ILE B 248 -6.46 -21.49 21.63
N PHE B 249 -7.11 -20.48 22.17
CA PHE B 249 -8.51 -20.20 21.83
C PHE B 249 -8.49 -19.00 20.93
N ASN B 250 -9.00 -19.19 19.71
CA ASN B 250 -8.92 -18.18 18.68
C ASN B 250 -10.36 -17.68 18.46
N LEU B 251 -10.57 -16.37 18.53
CA LEU B 251 -11.93 -15.82 18.54
C LEU B 251 -12.13 -14.97 17.28
N PRO B 252 -12.69 -15.57 16.22
CA PRO B 252 -12.73 -14.86 14.93
C PRO B 252 -13.91 -13.92 14.77
N ALA B 253 -13.68 -12.74 14.22
CA ALA B 253 -14.77 -12.02 13.65
C ALA B 253 -14.91 -12.55 12.23
N THR B 254 -15.51 -13.74 12.12
CA THR B 254 -15.68 -14.46 10.86
C THR B 254 -16.35 -13.50 9.88
N VAL B 255 -17.38 -12.83 10.39
CA VAL B 255 -17.93 -11.63 9.77
C VAL B 255 -17.69 -10.54 10.78
N GLU B 256 -17.15 -9.43 10.31
CA GLU B 256 -17.07 -8.25 11.18
C GLU B 256 -18.47 -7.66 11.31
N MET B 257 -19.03 -7.74 12.51
CA MET B 257 -20.44 -7.34 12.73
C MET B 257 -20.71 -5.96 13.27
N THR B 258 -19.76 -5.43 14.02
CA THR B 258 -20.00 -4.15 14.64
C THR B 258 -18.66 -3.42 14.84
N THR B 259 -18.67 -2.32 15.59
CA THR B 259 -17.52 -1.45 15.77
C THR B 259 -16.46 -2.16 16.62
N PRO B 260 -15.18 -1.78 16.46
CA PRO B 260 -14.08 -2.51 17.10
C PRO B 260 -14.04 -2.40 18.62
N ASN B 261 -14.62 -1.35 19.19
CA ASN B 261 -14.70 -1.26 20.65
C ASN B 261 -15.59 -2.37 21.21
N VAL B 262 -16.57 -2.82 20.45
CA VAL B 262 -17.45 -3.86 20.94
C VAL B 262 -16.72 -5.20 20.83
N TYR B 263 -16.01 -5.42 19.73
CA TYR B 263 -15.15 -6.62 19.66
C TYR B 263 -14.12 -6.60 20.83
N ALA B 264 -13.51 -5.44 21.09
CA ALA B 264 -12.56 -5.33 22.21
C ALA B 264 -13.20 -5.65 23.56
N ASP B 265 -14.40 -5.14 23.80
CA ASP B 265 -15.09 -5.48 25.07
C ASP B 265 -15.26 -7.00 25.15
N SER B 266 -15.65 -7.62 24.02
CA SER B 266 -15.93 -9.04 24.03
C SER B 266 -14.64 -9.81 24.38
N ILE B 267 -13.51 -9.37 23.83
CA ILE B 267 -12.19 -10.00 24.13
C ILE B 267 -11.79 -9.84 25.59
N GLU B 268 -12.03 -8.66 26.15
CA GLU B 268 -11.67 -8.44 27.53
C GLU B 268 -12.55 -9.36 28.42
N TRP B 269 -13.83 -9.43 28.12
CA TRP B 269 -14.73 -10.36 28.86
C TRP B 269 -14.24 -11.83 28.77
N MET B 270 -13.93 -12.30 27.56
CA MET B 270 -13.37 -13.68 27.43
C MET B 270 -12.07 -13.88 28.22
N SER B 271 -11.19 -12.88 28.14
CA SER B 271 -9.89 -12.95 28.78
C SER B 271 -10.04 -13.06 30.29
N ARG B 272 -11.02 -12.32 30.84
CA ARG B 272 -11.32 -12.38 32.27
C ARG B 272 -12.04 -13.64 32.71
N ASN B 273 -12.87 -14.18 31.83
CA ASN B 273 -13.85 -15.19 32.24
C ASN B 273 -13.58 -16.64 31.83
N LEU B 274 -12.80 -16.86 30.78
CA LEU B 274 -12.42 -18.22 30.41
C LEU B 274 -11.77 -18.94 31.59
N ALA B 275 -12.12 -20.22 31.77
CA ALA B 275 -11.52 -21.08 32.82
C ALA B 275 -10.04 -21.28 32.53
N ASN B 276 -9.21 -21.39 33.58
CA ASN B 276 -7.82 -21.83 33.40
C ASN B 276 -7.11 -20.91 32.38
N ARG B 277 -7.32 -19.61 32.55
CA ARG B 277 -6.77 -18.54 31.69
C ARG B 277 -5.24 -18.62 31.56
N GLU B 278 -4.56 -19.06 32.63
CA GLU B 278 -3.08 -19.16 32.58
C GLU B 278 -2.59 -20.25 31.64
N SER B 279 -3.49 -21.14 31.22
CA SER B 279 -3.15 -22.17 30.26
C SER B 279 -3.68 -21.86 28.87
N VAL B 280 -4.05 -20.60 28.63
CA VAL B 280 -4.66 -20.21 27.36
C VAL B 280 -3.83 -19.13 26.70
N ILE B 281 -3.57 -19.31 25.41
CA ILE B 281 -3.12 -18.23 24.54
C ILE B 281 -4.37 -17.72 23.80
N LEU B 282 -4.78 -16.48 24.07
CA LEU B 282 -6.01 -15.96 23.53
C LEU B 282 -5.70 -15.28 22.20
N SER B 283 -6.30 -15.79 21.14
CA SER B 283 -5.96 -15.35 19.78
C SER B 283 -7.13 -14.63 19.09
N LEU B 284 -6.78 -13.62 18.25
CA LEU B 284 -7.80 -12.81 17.53
C LEU B 284 -7.71 -13.14 16.06
N HIS B 285 -8.86 -13.18 15.37
CA HIS B 285 -8.89 -13.49 13.94
C HIS B 285 -9.94 -12.59 13.29
N PRO B 286 -9.60 -11.31 13.06
CA PRO B 286 -10.64 -10.37 12.59
C PRO B 286 -10.69 -10.29 11.07
N HIS B 287 -11.88 -10.28 10.49
CA HIS B 287 -12.07 -9.94 9.08
C HIS B 287 -12.49 -8.49 8.94
N ASN B 288 -12.62 -8.01 7.71
CA ASN B 288 -12.71 -6.60 7.46
C ASN B 288 -14.03 -6.10 6.83
N ASP B 289 -15.15 -6.76 7.12
CA ASP B 289 -16.46 -6.39 6.48
C ASP B 289 -16.91 -4.94 6.69
N ARG B 290 -16.52 -4.35 7.81
CA ARG B 290 -16.87 -2.98 8.13
C ARG B 290 -15.65 -2.04 8.00
N GLY B 291 -14.55 -2.55 7.45
CA GLY B 291 -13.32 -1.76 7.24
C GLY B 291 -12.59 -1.44 8.55
N THR B 292 -12.89 -2.21 9.59
CA THR B 292 -12.28 -1.92 10.87
C THR B 292 -11.45 -3.06 11.48
N ALA B 293 -10.96 -3.98 10.64
CA ALA B 293 -10.22 -5.15 11.17
C ALA B 293 -8.95 -4.77 11.94
N VAL B 294 -8.17 -3.86 11.38
CA VAL B 294 -6.95 -3.37 12.05
C VAL B 294 -7.29 -2.81 13.43
N ALA B 295 -8.31 -1.95 13.48
CA ALA B 295 -8.76 -1.41 14.75
C ALA B 295 -9.25 -2.50 15.72
N ALA B 296 -9.98 -3.51 15.22
CA ALA B 296 -10.49 -4.61 16.05
C ALA B 296 -9.31 -5.37 16.69
N ALA B 297 -8.25 -5.58 15.90
CA ALA B 297 -7.06 -6.30 16.37
C ALA B 297 -6.26 -5.48 17.43
N GLU B 298 -6.09 -4.19 17.19
CA GLU B 298 -5.35 -3.33 18.13
C GLU B 298 -6.08 -3.14 19.43
N LEU B 299 -7.38 -2.84 19.36
CA LEU B 299 -8.12 -2.68 20.60
C LEU B 299 -8.28 -4.03 21.32
N GLY B 300 -8.47 -5.10 20.53
CA GLY B 300 -8.59 -6.47 21.05
C GLY B 300 -7.31 -6.92 21.75
N PHE B 301 -6.17 -6.47 21.23
CA PHE B 301 -4.89 -6.87 21.82
C PHE B 301 -4.73 -6.12 23.14
N ALA B 302 -5.12 -4.84 23.15
CA ALA B 302 -5.10 -4.08 24.41
C ALA B 302 -6.07 -4.65 25.44
N ALA B 303 -7.10 -5.34 24.97
CA ALA B 303 -8.12 -5.93 25.84
C ALA B 303 -7.63 -7.24 26.50
N GLY B 304 -6.40 -7.65 26.21
CA GLY B 304 -5.88 -8.85 26.86
C GLY B 304 -5.55 -10.02 25.95
N ALA B 305 -5.75 -9.90 24.63
CA ALA B 305 -5.36 -11.05 23.80
C ALA B 305 -3.84 -11.21 23.78
N ASP B 306 -3.39 -12.42 23.44
CA ASP B 306 -1.94 -12.76 23.37
C ASP B 306 -1.40 -12.88 21.93
N ARG B 307 -2.30 -13.05 20.96
CA ARG B 307 -1.90 -13.56 19.65
C ARG B 307 -2.84 -12.99 18.60
N ILE B 308 -2.34 -12.71 17.39
CA ILE B 308 -3.18 -12.21 16.31
C ILE B 308 -2.91 -12.98 15.03
N GLU B 309 -3.96 -13.54 14.42
CA GLU B 309 -3.88 -14.15 13.09
C GLU B 309 -4.27 -13.13 12.02
N GLY B 310 -3.51 -13.10 10.94
CA GLY B 310 -3.90 -12.30 9.79
C GLY B 310 -3.08 -12.63 8.58
N CYS B 311 -3.16 -11.75 7.58
CA CYS B 311 -2.53 -11.96 6.29
C CYS B 311 -1.70 -10.75 5.88
N LEU B 312 -0.63 -10.99 5.12
CA LEU B 312 0.06 -9.85 4.51
C LEU B 312 -0.86 -9.09 3.53
N PHE B 313 -0.96 -7.78 3.72
CA PHE B 313 -1.72 -6.84 2.88
C PHE B 313 -3.18 -7.18 2.83
N GLY B 314 -3.63 -7.79 3.92
CA GLY B 314 -5.09 -7.98 4.14
C GLY B 314 -5.80 -8.89 3.15
N ASN B 315 -5.08 -9.89 2.62
CA ASN B 315 -5.77 -10.91 1.84
C ASN B 315 -6.66 -11.80 2.72
N GLY B 316 -7.58 -12.56 2.12
CA GLY B 316 -8.43 -13.47 2.89
C GLY B 316 -9.86 -13.31 2.42
N GLU B 317 -10.75 -14.11 3.00
CA GLU B 317 -12.13 -14.20 2.53
C GLU B 317 -12.79 -12.80 2.39
N ARG B 318 -13.39 -12.56 1.23
CA ARG B 318 -14.19 -11.37 0.93
C ARG B 318 -13.45 -10.08 1.17
N THR B 319 -13.66 -9.40 2.30
CA THR B 319 -12.93 -8.16 2.56
C THR B 319 -11.53 -8.41 3.12
N GLY B 320 -11.20 -9.66 3.42
CA GLY B 320 -9.85 -10.01 3.86
C GLY B 320 -9.71 -10.21 5.35
N ASN B 321 -8.62 -10.87 5.73
CA ASN B 321 -8.15 -10.93 7.13
C ASN B 321 -7.44 -9.60 7.45
N VAL B 322 -7.26 -9.31 8.73
CA VAL B 322 -6.55 -8.14 9.14
C VAL B 322 -5.15 -8.16 8.53
N CYS B 323 -4.68 -6.97 8.16
CA CYS B 323 -3.40 -6.81 7.49
C CYS B 323 -2.28 -6.83 8.50
N LEU B 324 -1.42 -7.83 8.41
CA LEU B 324 -0.27 -7.98 9.29
C LEU B 324 0.80 -6.91 9.08
N VAL B 325 0.86 -6.40 7.85
CA VAL B 325 1.81 -5.36 7.53
C VAL B 325 1.43 -4.09 8.27
N THR B 326 0.17 -3.72 8.13
CA THR B 326 -0.33 -2.52 8.79
C THR B 326 -0.17 -2.66 10.32
N LEU B 327 -0.55 -3.82 10.88
CA LEU B 327 -0.42 -4.03 12.34
C LEU B 327 1.05 -3.91 12.79
N GLY B 328 1.95 -4.49 12.00
CA GLY B 328 3.36 -4.55 12.44
C GLY B 328 4.00 -3.16 12.38
N LEU B 329 3.75 -2.44 11.28
CA LEU B 329 4.29 -1.11 11.13
C LEU B 329 3.57 -0.06 11.98
N ASN B 330 2.30 -0.31 12.35
CA ASN B 330 1.63 0.55 13.35
C ASN B 330 2.31 0.49 14.72
N LEU B 331 2.97 -0.62 15.01
CA LEU B 331 3.81 -0.71 16.21
C LEU B 331 5.16 0.02 15.99
N PHE B 332 5.87 -0.36 14.92
CA PHE B 332 7.17 0.26 14.58
C PHE B 332 7.11 1.81 14.67
N SER B 333 6.06 2.39 14.06
CA SER B 333 5.99 3.84 13.89
C SER B 333 5.63 4.52 15.20
N ARG B 334 5.28 3.75 16.23
CA ARG B 334 5.04 4.32 17.57
C ARG B 334 6.07 3.80 18.57
N GLY B 335 7.23 3.41 18.04
CA GLY B 335 8.37 2.97 18.86
C GLY B 335 8.30 1.59 19.49
N VAL B 336 7.47 0.67 18.97
CA VAL B 336 7.41 -0.71 19.50
C VAL B 336 7.92 -1.66 18.42
N ASP B 337 8.90 -2.49 18.77
CA ASP B 337 9.47 -3.45 17.80
C ASP B 337 8.42 -4.54 17.43
N PRO B 338 8.05 -4.65 16.14
CA PRO B 338 7.02 -5.66 15.80
C PRO B 338 7.61 -7.09 15.77
N GLN B 339 8.94 -7.19 15.82
CA GLN B 339 9.69 -8.49 15.76
C GLN B 339 9.53 -9.19 14.43
N ILE B 340 9.24 -8.39 13.42
CA ILE B 340 9.12 -8.83 12.05
C ILE B 340 9.87 -7.83 11.21
N ASP B 341 10.55 -8.30 10.15
CA ASP B 341 11.27 -7.40 9.30
C ASP B 341 10.48 -6.85 8.11
N PHE B 342 10.30 -5.52 8.09
CA PHE B 342 9.58 -4.82 7.04
C PHE B 342 10.53 -3.83 6.36
N SER B 343 11.83 -4.10 6.47
CA SER B 343 12.84 -3.16 5.99
CA SER B 343 12.84 -3.17 5.98
C SER B 343 12.84 -3.02 4.46
N ASN B 344 12.23 -3.99 3.77
CA ASN B 344 12.09 -3.92 2.33
C ASN B 344 10.65 -4.24 2.00
N ILE B 345 9.78 -3.25 2.13
CA ILE B 345 8.36 -3.49 1.95
C ILE B 345 8.01 -3.76 0.49
N ASP B 346 8.79 -3.23 -0.44
CA ASP B 346 8.55 -3.51 -1.87
C ASP B 346 8.78 -5.00 -2.22
N GLU B 347 9.79 -5.59 -1.58
CA GLU B 347 10.05 -7.02 -1.80
C GLU B 347 8.91 -7.84 -1.25
N ILE B 348 8.36 -7.44 -0.09
CA ILE B 348 7.22 -8.13 0.48
C ILE B 348 6.04 -8.00 -0.49
N ARG B 349 5.79 -6.78 -0.95
CA ARG B 349 4.68 -6.51 -1.86
C ARG B 349 4.77 -7.30 -3.16
N ARG B 350 5.94 -7.29 -3.80
CA ARG B 350 6.11 -8.01 -5.05
C ARG B 350 5.90 -9.50 -4.88
N THR B 351 6.39 -10.05 -3.76
CA THR B 351 6.19 -11.48 -3.50
C THR B 351 4.70 -11.77 -3.24
N VAL B 352 4.07 -10.94 -2.43
CA VAL B 352 2.63 -11.11 -2.14
C VAL B 352 1.78 -11.05 -3.44
N GLU B 353 2.09 -10.10 -4.31
CA GLU B 353 1.36 -9.96 -5.59
C GLU B 353 1.60 -11.14 -6.53
N TYR B 354 2.85 -11.63 -6.58
CA TYR B 354 3.13 -12.90 -7.30
C TYR B 354 2.31 -14.09 -6.75
N CYS B 355 2.33 -14.28 -5.43
CA CYS B 355 1.61 -15.40 -4.81
C CYS B 355 0.10 -15.32 -4.95
N ASN B 356 -0.45 -14.14 -4.71
CA ASN B 356 -1.89 -13.98 -4.65
C ASN B 356 -2.51 -13.64 -6.00
N GLN B 357 -1.71 -13.08 -6.89
CA GLN B 357 -2.19 -12.54 -8.19
C GLN B 357 -3.31 -11.48 -8.01
N LEU B 358 -3.15 -10.69 -6.94
CA LEU B 358 -4.02 -9.57 -6.62
C LEU B 358 -3.07 -8.45 -6.23
N PRO B 359 -3.32 -7.25 -6.73
CA PRO B 359 -2.46 -6.09 -6.45
C PRO B 359 -2.63 -5.55 -5.02
N VAL B 360 -1.58 -4.95 -4.49
CA VAL B 360 -1.71 -4.12 -3.27
C VAL B 360 -2.20 -2.76 -3.75
N HIS B 361 -3.31 -2.29 -3.18
CA HIS B 361 -3.89 -0.98 -3.57
C HIS B 361 -2.98 0.23 -3.44
N GLU B 362 -3.14 1.22 -4.34
CA GLU B 362 -2.31 2.39 -4.38
C GLU B 362 -2.26 3.08 -3.02
N ARG B 363 -3.35 2.96 -2.26
CA ARG B 363 -3.45 3.70 -0.97
C ARG B 363 -3.30 2.81 0.24
N HIS B 364 -2.85 1.58 0.04
CA HIS B 364 -2.73 0.66 1.19
C HIS B 364 -1.69 1.17 2.19
N PRO B 365 -2.02 1.21 3.51
CA PRO B 365 -1.05 1.72 4.50
C PRO B 365 0.32 1.09 4.32
N TYR B 366 1.35 1.94 4.35
CA TYR B 366 2.79 1.56 4.29
C TYR B 366 3.29 1.00 2.97
N GLY B 367 2.47 0.21 2.26
CA GLY B 367 2.92 -0.50 1.05
C GLY B 367 2.43 0.08 -0.27
N GLY B 368 1.33 0.86 -0.22
CA GLY B 368 0.71 1.35 -1.48
C GLY B 368 1.62 2.30 -2.26
N ASP B 369 1.48 2.33 -3.57
CA ASP B 369 2.30 3.23 -4.42
C ASP B 369 2.33 4.69 -3.98
N LEU B 370 1.21 5.19 -3.49
CA LEU B 370 1.05 6.61 -3.27
C LEU B 370 1.29 7.10 -1.84
N VAL B 371 1.60 6.18 -0.91
CA VAL B 371 1.55 6.55 0.51
C VAL B 371 2.72 7.42 1.03
N TYR B 372 3.78 7.52 0.24
CA TYR B 372 4.95 8.38 0.57
C TYR B 372 5.07 9.50 -0.45
N THR B 373 3.93 9.84 -1.06
CA THR B 373 3.91 10.90 -2.06
C THR B 373 3.32 12.18 -1.49
N ALA B 374 3.82 13.33 -1.96
CA ALA B 374 3.21 14.60 -1.62
C ALA B 374 3.05 15.37 -2.90
N PHE B 375 1.83 15.83 -3.15
CA PHE B 375 1.44 16.59 -4.35
C PHE B 375 1.25 18.08 -4.08
N SER B 376 0.68 18.40 -2.90
CA SER B 376 0.49 19.80 -2.49
C SER B 376 1.82 20.49 -2.30
N GLY B 377 1.95 21.70 -2.90
CA GLY B 377 3.11 22.56 -2.64
C GLY B 377 3.34 22.82 -1.15
N SER B 378 2.28 23.12 -0.38
CA SER B 378 2.47 23.38 1.04
C SER B 378 2.97 22.10 1.79
N HIS B 379 2.50 20.92 1.40
CA HIS B 379 3.02 19.71 2.04
C HIS B 379 4.50 19.51 1.69
N GLN B 380 4.84 19.69 0.42
CA GLN B 380 6.23 19.53 -0.02
C GLN B 380 7.19 20.50 0.72
N ASP B 381 6.76 21.75 0.84
CA ASP B 381 7.52 22.76 1.55
C ASP B 381 7.74 22.35 3.01
N ALA B 382 6.68 21.91 3.70
CA ALA B 382 6.77 21.53 5.10
C ALA B 382 7.68 20.29 5.28
N ILE B 383 7.60 19.35 4.34
CA ILE B 383 8.47 18.18 4.38
C ILE B 383 9.95 18.58 4.27
N ASN B 384 10.22 19.47 3.29
CA ASN B 384 11.58 20.03 3.11
C ASN B 384 12.09 20.73 4.34
N LYS B 385 11.22 21.51 4.99
CA LYS B 385 11.61 22.17 6.23
C LYS B 385 11.90 21.18 7.32
N GLY B 386 11.08 20.13 7.41
CA GLY B 386 11.30 19.11 8.43
C GLY B 386 12.63 18.42 8.21
N LEU B 387 12.88 18.07 6.96
CA LEU B 387 14.10 17.39 6.56
C LEU B 387 15.33 18.25 6.86
N ASP B 388 15.26 19.52 6.47
CA ASP B 388 16.36 20.45 6.77
C ASP B 388 16.63 20.59 8.24
N ALA B 389 15.57 20.69 9.04
CA ALA B 389 15.75 20.86 10.49
C ALA B 389 16.39 19.60 11.11
N MET B 390 15.99 18.43 10.63
CA MET B 390 16.63 17.19 11.09
C MET B 390 18.13 17.18 10.75
N LYS B 391 18.47 17.58 9.53
CA LYS B 391 19.88 17.64 9.12
C LYS B 391 20.69 18.60 10.00
N LEU B 392 20.12 19.78 10.27
CA LEU B 392 20.76 20.77 11.14
C LEU B 392 21.01 20.23 12.56
N ASP B 393 20.02 19.55 13.15
CA ASP B 393 20.19 18.90 14.46
C ASP B 393 21.23 17.77 14.48
N ALA B 394 21.32 17.02 13.38
CA ALA B 394 22.30 15.95 13.25
C ALA B 394 23.71 16.51 13.18
N ASP B 395 23.89 17.55 12.36
CA ASP B 395 25.16 18.24 12.23
C ASP B 395 25.68 18.75 13.56
N ALA B 396 24.79 19.32 14.36
CA ALA B 396 25.18 19.87 15.66
C ALA B 396 25.50 18.76 16.68
N ALA B 397 24.88 17.59 16.52
CA ALA B 397 25.14 16.48 17.44
C ALA B 397 26.19 15.49 16.92
N ASP B 398 26.92 15.85 15.85
CA ASP B 398 27.87 14.96 15.18
C ASP B 398 27.24 13.56 15.06
N CYS B 399 26.19 13.49 14.25
CA CYS B 399 25.31 12.32 14.18
C CYS B 399 24.77 12.04 12.80
N ASP B 400 24.46 10.77 12.56
CA ASP B 400 23.86 10.39 11.29
C ASP B 400 22.38 10.73 11.40
N VAL B 401 21.91 11.56 10.47
CA VAL B 401 20.52 11.99 10.46
C VAL B 401 19.56 10.77 10.40
N ASP B 402 20.00 9.69 9.74
CA ASP B 402 19.19 8.47 9.60
C ASP B 402 19.04 7.68 10.91
N ASP B 403 19.78 8.05 11.95
CA ASP B 403 19.64 7.38 13.24
C ASP B 403 18.86 8.22 14.24
N MET B 404 18.46 9.42 13.87
CA MET B 404 17.81 10.30 14.82
C MET B 404 16.29 10.34 14.70
N LEU B 405 15.66 10.85 15.76
CA LEU B 405 14.23 10.95 15.89
C LEU B 405 13.62 11.48 14.58
N TRP B 406 12.71 10.70 13.98
CA TRP B 406 12.03 11.17 12.75
C TRP B 406 11.03 12.28 13.07
N GLN B 407 11.23 13.46 12.48
CA GLN B 407 10.39 14.66 12.74
C GLN B 407 10.07 15.36 11.44
N VAL B 408 9.17 14.80 10.63
CA VAL B 408 8.90 15.37 9.31
C VAL B 408 7.40 15.41 9.10
N PRO B 409 6.83 16.62 8.91
CA PRO B 409 5.37 16.72 8.75
C PRO B 409 4.92 15.85 7.59
N TYR B 410 3.74 15.22 7.72
CA TYR B 410 3.03 14.53 6.62
C TYR B 410 3.58 13.16 6.28
N LEU B 411 4.69 12.77 6.91
CA LEU B 411 5.30 11.46 6.67
C LEU B 411 5.46 10.76 8.02
N PRO B 412 4.55 9.83 8.37
CA PRO B 412 4.58 9.19 9.68
C PRO B 412 5.89 8.43 9.92
N ILE B 413 6.49 7.90 8.84
CA ILE B 413 7.79 7.25 8.98
C ILE B 413 8.74 7.74 7.90
N ASP B 414 10.05 7.58 8.13
CA ASP B 414 11.03 7.75 7.08
C ASP B 414 10.79 6.64 6.04
N PRO B 415 10.46 6.99 4.79
CA PRO B 415 10.21 5.90 3.83
C PRO B 415 11.41 4.98 3.69
N ARG B 416 12.61 5.52 3.94
CA ARG B 416 13.83 4.71 3.84
C ARG B 416 13.87 3.56 4.84
N ASP B 417 13.12 3.67 5.95
CA ASP B 417 13.14 2.59 6.93
C ASP B 417 12.37 1.34 6.46
N VAL B 418 11.62 1.46 5.37
CA VAL B 418 10.95 0.30 4.78
C VAL B 418 11.44 0.15 3.35
N GLY B 419 12.56 0.80 3.03
CA GLY B 419 13.18 0.70 1.71
C GLY B 419 12.51 1.48 0.59
N ARG B 420 11.64 2.43 0.94
CA ARG B 420 10.98 3.26 -0.06
C ARG B 420 11.59 4.67 -0.08
N THR B 421 11.08 5.54 -0.94
CA THR B 421 11.62 6.90 -1.11
C THR B 421 10.46 7.88 -1.07
N TYR B 422 10.63 8.99 -0.37
CA TYR B 422 9.69 10.11 -0.46
C TYR B 422 9.67 10.63 -1.92
N GLU B 423 8.47 10.87 -2.43
CA GLU B 423 8.29 11.31 -3.81
C GLU B 423 7.49 12.63 -3.82
N ALA B 424 8.14 13.72 -4.20
CA ALA B 424 7.43 14.99 -4.39
C ALA B 424 7.01 14.99 -5.84
N VAL B 425 5.72 14.90 -6.08
CA VAL B 425 5.23 14.72 -7.43
C VAL B 425 4.93 16.11 -7.99
N ILE B 426 5.44 16.38 -9.19
CA ILE B 426 5.19 17.63 -9.88
C ILE B 426 4.34 17.28 -11.10
N ARG B 427 3.23 18.00 -11.29
CA ARG B 427 2.36 17.83 -12.48
C ARG B 427 2.94 18.55 -13.70
N VAL B 428 2.77 17.94 -14.87
CA VAL B 428 3.12 18.63 -16.12
C VAL B 428 1.90 19.28 -16.79
N ASN B 429 1.90 20.62 -16.85
CA ASN B 429 0.78 21.41 -17.41
C ASN B 429 1.09 21.91 -18.82
N LYS B 434 -2.79 13.61 -21.76
CA LYS B 434 -2.06 12.81 -20.79
C LYS B 434 -0.76 13.51 -20.36
N GLY B 435 -0.53 13.59 -19.05
CA GLY B 435 0.64 14.28 -18.50
C GLY B 435 1.56 13.42 -17.65
N GLY B 436 2.40 14.07 -16.85
CA GLY B 436 3.29 13.35 -15.95
C GLY B 436 4.67 13.25 -16.55
N VAL B 437 5.68 13.42 -15.70
CA VAL B 437 7.08 13.54 -16.13
C VAL B 437 7.52 12.34 -16.99
N ALA B 438 7.32 11.14 -16.47
CA ALA B 438 7.69 9.87 -17.15
C ALA B 438 7.12 9.79 -18.57
N TYR B 439 5.83 10.07 -18.69
CA TYR B 439 5.14 9.97 -19.98
C TYR B 439 5.65 11.00 -20.99
N ILE B 440 5.68 12.27 -20.61
CA ILE B 440 6.19 13.32 -21.52
C ILE B 440 7.64 13.06 -21.95
N MET B 441 8.49 12.67 -21.00
CA MET B 441 9.91 12.44 -21.31
C MET B 441 10.09 11.36 -22.38
N LYS B 442 9.27 10.33 -22.30
CA LYS B 442 9.29 9.22 -23.25
C LYS B 442 8.69 9.63 -24.60
N THR B 443 7.50 10.23 -24.55
CA THR B 443 6.76 10.60 -25.76
C THR B 443 7.43 11.72 -26.55
N ASP B 444 7.98 12.72 -25.85
CA ASP B 444 8.53 13.88 -26.52
C ASP B 444 10.04 13.80 -26.75
N HIS B 445 10.73 12.98 -25.95
CA HIS B 445 12.21 12.99 -26.01
C HIS B 445 12.86 11.62 -26.08
N GLY B 446 12.03 10.57 -26.08
CA GLY B 446 12.47 9.19 -26.31
C GLY B 446 13.27 8.55 -25.18
N LEU B 447 13.15 9.10 -23.98
CA LEU B 447 13.86 8.60 -22.80
C LEU B 447 12.88 7.91 -21.85
N SER B 448 13.18 6.66 -21.51
CA SER B 448 12.49 5.94 -20.43
C SER B 448 13.29 6.08 -19.13
N LEU B 449 12.87 7.00 -18.27
CA LEU B 449 13.60 7.28 -17.04
C LEU B 449 13.34 6.19 -16.00
N PRO B 450 14.42 5.60 -15.43
CA PRO B 450 14.24 4.72 -14.28
C PRO B 450 13.45 5.44 -13.18
N ARG B 451 12.61 4.70 -12.44
CA ARG B 451 11.75 5.35 -11.45
C ARG B 451 12.49 6.23 -10.45
N ARG B 452 13.67 5.79 -9.99
CA ARG B 452 14.41 6.55 -9.00
C ARG B 452 14.98 7.83 -9.59
N LEU B 453 15.25 7.83 -10.91
CA LEU B 453 15.61 9.06 -11.60
C LEU B 453 14.40 10.02 -11.69
N GLN B 454 13.23 9.49 -12.01
CA GLN B 454 12.01 10.30 -12.08
C GLN B 454 11.81 11.05 -10.79
N ILE B 455 12.00 10.33 -9.68
CA ILE B 455 11.86 10.89 -8.32
C ILE B 455 12.89 12.00 -8.05
N GLU B 456 14.15 11.70 -8.39
CA GLU B 456 15.21 12.67 -8.17
C GLU B 456 14.98 13.93 -9.00
N PHE B 457 14.60 13.73 -10.25
CA PHE B 457 14.39 14.88 -11.14
C PHE B 457 13.20 15.72 -10.71
N SER B 458 12.12 15.07 -10.30
CA SER B 458 10.94 15.80 -9.81
C SER B 458 11.27 16.68 -8.60
N GLN B 459 12.20 16.22 -7.76
CA GLN B 459 12.67 16.96 -6.59
C GLN B 459 13.43 18.21 -7.01
N VAL B 460 14.24 18.07 -8.06
CA VAL B 460 14.90 19.17 -8.74
C VAL B 460 13.88 20.20 -9.27
N ILE B 461 12.89 19.74 -10.03
CA ILE B 461 11.78 20.59 -10.50
C ILE B 461 11.07 21.30 -9.34
N GLN B 462 10.86 20.56 -8.24
CA GLN B 462 10.17 21.08 -7.06
C GLN B 462 10.94 22.26 -6.50
N LYS B 463 12.27 22.10 -6.40
CA LYS B 463 13.33 23.14 -6.24
C LYS B 463 14.10 23.04 -4.93
N VAL B 475 4.25 22.64 -14.15
CA VAL B 475 5.34 22.98 -15.06
C VAL B 475 4.96 22.60 -16.49
N SER B 476 5.36 23.38 -17.47
CA SER B 476 5.06 23.05 -18.86
C SER B 476 6.07 22.04 -19.40
N PRO B 477 5.70 21.28 -20.45
CA PRO B 477 6.64 20.38 -21.10
C PRO B 477 8.00 21.02 -21.44
N LYS B 478 7.99 22.25 -22.01
CA LYS B 478 9.24 22.94 -22.31
C LYS B 478 10.07 23.24 -21.08
N GLU B 479 9.44 23.69 -20.00
CA GLU B 479 10.17 24.03 -18.77
C GLU B 479 10.86 22.78 -18.19
N MET B 480 10.11 21.67 -18.20
CA MET B 480 10.59 20.37 -17.70
C MET B 480 11.78 19.92 -18.54
N TRP B 481 11.64 19.97 -19.86
CA TRP B 481 12.77 19.57 -20.74
C TRP B 481 14.02 20.44 -20.53
N ASP B 482 13.81 21.75 -20.49
CA ASP B 482 14.91 22.66 -20.28
C ASP B 482 15.62 22.42 -18.94
N ALA B 483 14.84 22.14 -17.89
CA ALA B 483 15.40 21.79 -16.59
C ALA B 483 16.16 20.45 -16.63
N PHE B 484 15.61 19.47 -17.35
CA PHE B 484 16.27 18.17 -17.50
C PHE B 484 17.62 18.33 -18.21
N ALA B 485 17.62 19.05 -19.32
CA ALA B 485 18.88 19.27 -20.02
C ALA B 485 19.91 20.06 -19.17
N GLU B 486 19.49 21.13 -18.48
CA GLU B 486 20.43 21.87 -17.62
C GLU B 486 21.06 20.99 -16.52
N GLU B 487 20.31 20.02 -16.00
CA GLU B 487 20.78 19.15 -14.93
C GLU B 487 21.68 18.01 -15.40
N TYR B 488 21.23 17.29 -16.42
CA TYR B 488 21.87 16.02 -16.82
C TYR B 488 22.69 16.06 -18.11
N LEU B 489 22.34 16.95 -19.03
CA LEU B 489 22.91 16.85 -20.37
C LEU B 489 23.94 17.93 -20.64
N ALA B 490 23.66 19.16 -20.18
CA ALA B 490 24.50 20.33 -20.47
C ALA B 490 25.81 20.51 -19.69
N PRO B 491 25.84 20.16 -18.37
CA PRO B 491 27.02 20.52 -17.60
C PRO B 491 28.36 19.99 -18.13
N VAL B 492 29.35 20.86 -18.09
CA VAL B 492 30.67 20.56 -18.64
C VAL B 492 31.73 20.83 -17.55
N ARG B 493 31.26 21.17 -16.36
CA ARG B 493 32.11 21.38 -15.19
C ARG B 493 31.45 20.70 -13.98
N PRO B 494 32.26 20.14 -13.04
CA PRO B 494 33.71 20.11 -13.05
C PRO B 494 34.31 19.15 -14.07
N LEU B 495 33.51 18.29 -14.70
CA LEU B 495 34.08 17.24 -15.53
C LEU B 495 33.58 17.32 -16.96
N GLU B 496 34.50 17.36 -17.92
CA GLU B 496 34.11 17.21 -19.32
C GLU B 496 34.90 16.07 -19.96
N ARG B 497 34.24 15.25 -20.77
CA ARG B 497 34.91 14.12 -21.46
C ARG B 497 35.04 14.46 -22.95
N ILE B 498 36.28 14.63 -23.39
CA ILE B 498 36.53 15.08 -24.76
C ILE B 498 36.49 13.91 -25.73
N ARG B 499 37.31 12.90 -25.44
CA ARG B 499 37.42 11.72 -26.28
C ARG B 499 38.07 10.62 -25.44
N GLN B 500 38.00 9.37 -25.91
CA GLN B 500 38.72 8.30 -25.19
C GLN B 500 39.10 7.15 -26.10
N HIS B 501 40.11 6.41 -25.67
CA HIS B 501 40.52 5.19 -26.36
C HIS B 501 40.19 3.96 -25.52
N VAL B 502 39.26 3.15 -26.00
CA VAL B 502 38.83 1.97 -25.21
C VAL B 502 39.54 0.74 -25.76
N ASP B 503 40.41 0.15 -24.94
CA ASP B 503 41.14 -1.05 -25.32
C ASP B 503 40.48 -2.22 -24.61
N ALA B 504 39.55 -2.87 -25.31
CA ALA B 504 38.78 -3.98 -24.74
C ALA B 504 39.48 -5.30 -25.11
N ALA B 505 39.79 -6.14 -24.11
CA ALA B 505 40.36 -7.47 -24.44
C ALA B 505 39.40 -8.27 -25.34
N ASP B 506 39.97 -9.06 -26.24
CA ASP B 506 39.20 -9.78 -27.26
C ASP B 506 38.50 -10.96 -26.63
N ASP B 507 39.09 -11.55 -25.58
CA ASP B 507 38.51 -12.78 -25.01
C ASP B 507 37.56 -12.53 -23.85
N ASP B 508 36.49 -13.34 -23.78
CA ASP B 508 35.51 -13.24 -22.70
C ASP B 508 36.24 -13.31 -21.37
N GLY B 509 35.86 -12.43 -20.46
CA GLY B 509 36.49 -12.43 -19.12
C GLY B 509 37.76 -11.63 -19.04
N GLY B 510 38.21 -11.06 -20.15
CA GLY B 510 39.43 -10.25 -20.14
C GLY B 510 39.21 -8.84 -19.58
N THR B 511 40.30 -8.10 -19.43
CA THR B 511 40.27 -6.71 -18.94
C THR B 511 39.93 -5.74 -20.05
N THR B 512 39.18 -4.69 -19.72
CA THR B 512 39.08 -3.54 -20.62
C THR B 512 39.84 -2.36 -20.01
N SER B 513 40.59 -1.62 -20.82
CA SER B 513 41.35 -0.49 -20.32
C SER B 513 40.90 0.71 -21.10
N ILE B 514 41.06 1.88 -20.48
CA ILE B 514 40.61 3.10 -21.10
C ILE B 514 41.60 4.21 -20.80
N THR B 515 41.95 5.01 -21.81
CA THR B 515 42.62 6.27 -21.61
C THR B 515 41.68 7.34 -22.16
N ALA B 516 41.42 8.38 -21.37
CA ALA B 516 40.44 9.41 -21.71
C ALA B 516 41.05 10.77 -21.63
N THR B 517 40.70 11.63 -22.59
CA THR B 517 41.04 13.05 -22.51
C THR B 517 39.87 13.76 -21.85
N VAL B 518 40.12 14.37 -20.69
CA VAL B 518 39.04 15.07 -20.01
C VAL B 518 39.48 16.45 -19.60
N LYS B 519 38.52 17.34 -19.39
CA LYS B 519 38.79 18.65 -18.82
C LYS B 519 38.25 18.63 -17.39
N ILE B 520 39.13 18.93 -16.43
CA ILE B 520 38.73 19.02 -15.01
C ILE B 520 38.66 20.50 -14.63
N ASN B 521 37.45 21.02 -14.39
CA ASN B 521 37.24 22.46 -14.20
C ASN B 521 38.01 23.24 -15.27
N GLY B 522 37.82 22.84 -16.52
CA GLY B 522 38.46 23.52 -17.66
C GLY B 522 39.88 23.09 -17.99
N VAL B 523 40.56 22.39 -17.09
CA VAL B 523 41.95 22.01 -17.32
C VAL B 523 42.06 20.65 -18.00
N GLU B 524 42.59 20.65 -19.22
CA GLU B 524 42.78 19.40 -19.95
C GLU B 524 43.76 18.43 -19.25
N THR B 525 43.34 17.18 -19.13
CA THR B 525 44.23 16.16 -18.64
C THR B 525 43.89 14.78 -19.18
N GLU B 526 44.73 13.82 -18.82
CA GLU B 526 44.67 12.50 -19.37
C GLU B 526 44.54 11.54 -18.20
N ILE B 527 43.50 10.70 -18.23
CA ILE B 527 43.25 9.70 -17.18
C ILE B 527 43.27 8.28 -17.75
N SER B 528 43.60 7.30 -16.92
CA SER B 528 43.65 5.88 -17.36
CA SER B 528 43.66 5.88 -17.36
C SER B 528 43.15 4.96 -16.26
N GLY B 529 42.45 3.90 -16.65
CA GLY B 529 41.99 2.92 -15.68
C GLY B 529 41.70 1.61 -16.40
N SER B 530 41.50 0.55 -15.60
CA SER B 530 41.14 -0.79 -16.10
C SER B 530 40.00 -1.37 -15.31
N GLY B 531 39.26 -2.28 -15.93
CA GLY B 531 38.20 -2.96 -15.21
C GLY B 531 37.66 -4.12 -16.04
N ASN B 532 36.59 -4.74 -15.56
CA ASN B 532 35.99 -5.84 -16.31
C ASN B 532 35.14 -5.41 -17.51
N GLY B 533 34.92 -4.11 -17.64
CA GLY B 533 34.29 -3.55 -18.85
C GLY B 533 34.61 -2.07 -18.96
N PRO B 534 34.07 -1.41 -20.00
CA PRO B 534 34.38 0.01 -20.26
C PRO B 534 33.93 0.97 -19.14
N LEU B 535 32.78 0.66 -18.53
CA LEU B 535 32.26 1.50 -17.47
C LEU B 535 33.14 1.39 -16.23
N ALA B 536 33.46 0.17 -15.82
CA ALA B 536 34.38 -0.07 -14.68
C ALA B 536 35.72 0.63 -14.91
N ALA B 537 36.25 0.52 -16.12
CA ALA B 537 37.55 1.11 -16.44
C ALA B 537 37.52 2.63 -16.33
N PHE B 538 36.47 3.26 -16.87
CA PHE B 538 36.31 4.70 -16.79
C PHE B 538 36.12 5.16 -15.32
N VAL B 539 35.29 4.43 -14.57
CA VAL B 539 35.12 4.73 -13.14
C VAL B 539 36.47 4.71 -12.43
N HIS B 540 37.29 3.71 -12.76
CA HIS B 540 38.59 3.62 -12.09
C HIS B 540 39.56 4.68 -12.53
N ALA B 541 39.50 5.08 -13.80
CA ALA B 541 40.25 6.23 -14.28
C ALA B 541 39.91 7.51 -13.54
N LEU B 542 38.61 7.75 -13.31
CA LEU B 542 38.16 8.98 -12.61
C LEU B 542 38.58 9.06 -11.14
N ALA B 543 38.59 7.91 -10.45
CA ALA B 543 39.08 7.82 -9.07
C ALA B 543 40.47 8.43 -8.91
N ASP B 544 41.33 8.29 -9.93
CA ASP B 544 42.69 8.82 -9.81
C ASP B 544 42.76 10.34 -9.84
N VAL B 545 41.67 10.97 -10.27
CA VAL B 545 41.61 12.42 -10.27
C VAL B 545 40.54 13.00 -9.32
N GLY B 546 40.21 12.23 -8.28
CA GLY B 546 39.40 12.75 -7.19
C GLY B 546 37.90 12.75 -7.43
N PHE B 547 37.42 11.97 -8.41
CA PHE B 547 35.98 11.66 -8.48
C PHE B 547 35.78 10.19 -8.12
N ASP B 548 35.24 9.94 -6.94
CA ASP B 548 34.93 8.59 -6.55
C ASP B 548 33.48 8.27 -6.91
N VAL B 549 33.28 7.41 -7.91
CA VAL B 549 31.95 7.09 -8.39
C VAL B 549 31.60 5.68 -8.00
N ALA B 550 30.81 5.49 -6.95
CA ALA B 550 30.41 4.14 -6.52
C ALA B 550 29.09 3.83 -7.20
N VAL B 551 29.14 2.96 -8.22
CA VAL B 551 27.98 2.66 -9.07
C VAL B 551 26.93 1.78 -8.34
N LEU B 552 25.70 2.28 -8.30
CA LEU B 552 24.60 1.56 -7.67
C LEU B 552 23.70 0.84 -8.68
N ASP B 553 23.54 1.42 -9.87
CA ASP B 553 22.66 0.81 -10.86
C ASP B 553 22.96 1.38 -12.22
N TYR B 554 22.44 0.72 -13.25
CA TYR B 554 22.74 1.11 -14.64
C TYR B 554 21.67 0.53 -15.56
N TYR B 555 21.19 1.36 -16.50
CA TYR B 555 20.17 0.99 -17.46
C TYR B 555 20.50 1.60 -18.80
N GLU B 556 20.08 0.94 -19.88
CA GLU B 556 20.28 1.48 -21.21
C GLU B 556 19.17 1.00 -22.14
N HIS B 557 18.78 1.85 -23.09
CA HIS B 557 17.83 1.44 -24.11
C HIS B 557 18.05 2.18 -25.42
N ALA B 558 17.57 1.57 -26.50
CA ALA B 558 17.54 2.21 -27.83
C ALA B 558 16.50 3.31 -27.82
N MET B 559 16.76 4.36 -28.57
CA MET B 559 15.80 5.46 -28.67
C MET B 559 14.95 5.36 -29.94
N SER B 560 15.23 4.35 -30.75
CA SER B 560 14.39 4.00 -31.88
C SER B 560 14.74 2.56 -32.32
N ALA B 561 14.11 2.09 -33.41
CA ALA B 561 14.53 0.82 -33.97
C ALA B 561 15.78 1.05 -34.81
N GLY B 562 16.37 -0.04 -35.30
CA GLY B 562 17.55 0.02 -36.16
C GLY B 562 18.84 -0.21 -35.36
N ASP B 563 19.78 -0.90 -35.97
CA ASP B 563 21.07 -1.19 -35.33
C ASP B 563 21.88 0.10 -35.15
N ASP B 564 21.54 1.15 -35.92
CA ASP B 564 22.20 2.44 -35.83
C ASP B 564 21.47 3.43 -34.93
N ALA B 565 20.48 2.97 -34.18
CA ALA B 565 19.83 3.84 -33.21
C ALA B 565 20.79 4.44 -32.17
N GLN B 566 20.39 5.61 -31.67
CA GLN B 566 20.96 6.18 -30.46
C GLN B 566 20.60 5.36 -29.24
N ALA B 567 21.54 5.30 -28.31
CA ALA B 567 21.36 4.63 -27.04
C ALA B 567 21.30 5.71 -25.94
N ALA B 568 20.39 5.53 -24.99
CA ALA B 568 20.29 6.38 -23.80
C ALA B 568 20.66 5.49 -22.64
N ALA B 569 21.64 5.94 -21.86
CA ALA B 569 22.13 5.19 -20.70
C ALA B 569 21.89 6.03 -19.47
N TYR B 570 21.72 5.36 -18.34
CA TYR B 570 21.42 5.98 -17.06
C TYR B 570 22.29 5.27 -16.05
N VAL B 571 22.98 6.04 -15.22
CA VAL B 571 23.82 5.48 -14.17
C VAL B 571 23.43 6.10 -12.86
N GLU B 572 23.14 5.25 -11.88
CA GLU B 572 22.97 5.71 -10.48
C GLU B 572 24.26 5.48 -9.69
N ALA B 573 24.69 6.47 -8.92
CA ALA B 573 25.97 6.35 -8.26
C ALA B 573 26.01 7.19 -6.99
N SER B 574 26.70 6.68 -5.98
CA SER B 574 27.04 7.50 -4.82
C SER B 574 28.42 8.14 -5.13
N VAL B 575 28.44 9.47 -5.33
CA VAL B 575 29.60 10.16 -5.86
C VAL B 575 30.25 11.05 -4.78
N THR B 576 31.56 10.90 -4.60
CA THR B 576 32.33 11.76 -3.70
C THR B 576 33.36 12.53 -4.52
N ILE B 577 33.38 13.86 -4.37
CA ILE B 577 34.34 14.69 -5.09
C ILE B 577 35.37 15.36 -4.16
N ALA B 578 36.64 15.25 -4.52
CA ALA B 578 37.74 15.84 -3.75
C ALA B 578 37.69 17.37 -3.67
N SER B 579 38.33 17.91 -2.62
CA SER B 579 38.58 19.36 -2.43
C SER B 579 37.31 20.11 -2.01
N THR B 614 31.89 14.68 1.61
CA THR B 614 30.66 13.91 1.68
C THR B 614 30.22 13.37 0.31
N SER B 615 29.43 12.30 0.33
CA SER B 615 28.92 11.68 -0.89
C SER B 615 27.43 11.99 -1.14
N LYS B 616 27.03 12.01 -2.41
CA LYS B 616 25.65 12.27 -2.77
C LYS B 616 25.23 11.15 -3.74
N THR B 617 24.05 10.56 -3.52
CA THR B 617 23.53 9.60 -4.49
C THR B 617 22.80 10.38 -5.57
N VAL B 618 23.20 10.19 -6.83
CA VAL B 618 22.66 10.94 -7.96
C VAL B 618 22.56 10.03 -9.19
N TRP B 619 21.81 10.48 -10.17
CA TRP B 619 21.77 9.83 -11.48
C TRP B 619 22.51 10.65 -12.52
N GLY B 620 23.03 9.96 -13.52
CA GLY B 620 23.47 10.64 -14.74
C GLY B 620 22.82 10.03 -15.94
N VAL B 621 22.74 10.83 -17.01
CA VAL B 621 22.13 10.40 -18.26
C VAL B 621 23.11 10.67 -19.39
N GLY B 622 23.29 9.70 -20.28
CA GLY B 622 24.14 9.88 -21.47
C GLY B 622 23.45 9.38 -22.72
N ILE B 623 23.62 10.10 -23.82
CA ILE B 623 23.00 9.71 -25.10
C ILE B 623 24.07 9.68 -26.19
N ALA B 624 24.17 8.57 -26.94
CA ALA B 624 25.17 8.46 -28.01
C ALA B 624 24.82 7.39 -29.02
N PRO B 625 25.41 7.46 -30.22
CA PRO B 625 25.16 6.42 -31.20
C PRO B 625 25.83 5.08 -30.84
N SER B 626 26.83 5.12 -29.97
CA SER B 626 27.46 3.89 -29.44
C SER B 626 26.93 3.54 -28.06
N ILE B 627 26.49 2.31 -27.91
CA ILE B 627 26.08 1.87 -26.58
CA ILE B 627 26.12 1.77 -26.59
C ILE B 627 27.21 2.04 -25.55
N THR B 628 28.47 1.90 -25.98
CA THR B 628 29.59 2.03 -25.05
C THR B 628 29.75 3.49 -24.63
N THR B 629 29.81 4.38 -25.60
CA THR B 629 30.01 5.81 -25.30
C THR B 629 28.85 6.42 -24.51
N ALA B 630 27.61 5.94 -24.77
CA ALA B 630 26.45 6.45 -24.03
C ALA B 630 26.62 6.19 -22.53
N SER B 631 27.13 5.03 -22.17
CA SER B 631 27.35 4.72 -20.76
C SER B 631 28.44 5.61 -20.13
N LEU B 632 29.52 5.87 -20.87
CA LEU B 632 30.54 6.81 -20.41
C LEU B 632 29.96 8.22 -20.20
N ARG B 633 29.16 8.70 -21.16
CA ARG B 633 28.47 10.00 -20.97
C ARG B 633 27.60 10.03 -19.72
N ALA B 634 26.92 8.91 -19.40
CA ALA B 634 26.06 8.83 -18.21
C ALA B 634 26.90 8.97 -16.94
N VAL B 635 28.10 8.41 -16.94
CA VAL B 635 28.99 8.56 -15.77
C VAL B 635 29.41 10.02 -15.59
N VAL B 636 29.78 10.68 -16.69
CA VAL B 636 30.15 12.11 -16.64
C VAL B 636 29.00 12.94 -16.09
N SER B 637 27.80 12.64 -16.61
CA SER B 637 26.60 13.35 -16.23
C SER B 637 26.39 13.22 -14.72
N ALA B 638 26.58 12.00 -14.20
CA ALA B 638 26.39 11.75 -12.76
C ALA B 638 27.35 12.58 -11.92
N VAL B 639 28.62 12.57 -12.29
CA VAL B 639 29.63 13.36 -11.57
C VAL B 639 29.22 14.84 -11.52
N ASN B 640 28.85 15.41 -12.66
CA ASN B 640 28.44 16.82 -12.72
C ASN B 640 27.15 17.11 -12.02
N ARG B 641 26.22 16.15 -12.02
CA ARG B 641 25.03 16.29 -11.17
C ARG B 641 25.40 16.31 -9.69
N ALA B 642 26.39 15.54 -9.26
CA ALA B 642 26.75 15.55 -7.81
C ALA B 642 27.33 16.90 -7.33
N ALA B 643 27.86 17.68 -8.26
CA ALA B 643 28.45 18.98 -7.95
C ALA B 643 27.41 20.12 -7.98
N ARG B 644 26.17 19.84 -8.36
CA ARG B 644 25.14 20.89 -8.52
C ARG B 644 24.48 21.31 -7.21
#